data_3J6U
#
_entry.id   3J6U
#
_cell.length_a   1
_cell.length_b   1
_cell.length_c   1
_cell.angle_alpha   90
_cell.angle_beta   90
_cell.angle_gamma   90
#
_symmetry.space_group_name_H-M   'P 1'
#
loop_
_entity.id
_entity.type
_entity.pdbx_description
1 polymer 'envelope protein'
2 polymer 'membrane protein'
3 polymer 'Fab 5J7 heavy chain'
4 polymer 'Fab 5J7 light chain'
#
loop_
_entity_poly.entity_id
_entity_poly.type
_entity_poly.pdbx_seq_one_letter_code
_entity_poly.pdbx_strand_id
1 'polypeptide(L)'
;MRCVGVGNRDFVEGLSGATWVDVVLEHGGCVTTMAKNKPTLDIELQKTEATQLATLRKLCIEGKITNITTDSRCPTQGEA
VLPEEQDQNYVCKHTYVDRGWGNGCGLFGKGSLVTCAKFQCLEPIEGKVVQYENLKYTVIITVHTGDQHQVGNETQGVTA
EITPQASTTEAILPEYGTLGLECSPRTGLDFNEMILLTMKNKAWMVHRQWFFDLPLPWASGATTETPTWNRKELLVTFKN
AHAKKQEVVVLGSQEGAMHTALTGATEIQNSGGTSIFAGHLKCRLKMDKLELKGMSYAMCTNTFVLKKEVSETQHGTILI
KVEYKGEDAPCKIPFSTEDGQGKAHNGRLITANPVVTKKEEPVNIEAEPPFGESNIVIGIGDNALKINWYKKGSSIGKMF
EATARGARRMAILGDTAWDFGSVGGVLNSLGKMVHQIFGSAYTALFSGVSWVMKIGIGVLLTWIGLNSKNTSMSFSCIAI
GIITLYLGAVVQA
;
A,C,E
2 'polypeptide(L)' SVALAPHVGMGLDTRTQTWMSAEGAWRQVEKVETWALRHPGFTILALFLAHYIGTSLTQKVVIFILLMLVTPSMT B,D,F
3 'polypeptide(L)'
;WVPGSWAQVQLVQSGAELRKPGSSVKVSCRASGGTFSSYTFNWVRQAPGQGLEWMGGFIPVFNTTNYAQTFQGRVTIAAD
KSTSTAYMELRSLRSEDTAIYYCARDKELLFSRAFDIWGQGTMVTVSSAGTKGPS
;
H
4 'polypeptide(L)'
;WVPGVHSDIQMTQSPSSLSASVGDRVTITCRASQSISRYLNWYQREPGKAPKLLIYGASSLQRGVPSRFSGSGSGTDFTL
TISSLQPEDFATYYCQQSQYIPYTFGQGTKVDIKRTVA
;
L
#
# COMPACT_ATOMS: atom_id res chain seq x y z
CA MET A 1 57.14 -2.14 -33.96
CA ARG A 2 54.90 -4.52 -31.97
CA CYS A 3 51.67 -3.95 -33.92
CA VAL A 4 53.13 -4.40 -37.53
CA GLY A 5 50.41 -6.30 -39.47
CA VAL A 6 48.65 -7.01 -36.18
CA GLY A 7 45.21 -5.64 -37.16
CA ASN A 8 43.75 -2.31 -36.11
CA ARG A 9 46.03 0.71 -35.62
CA ASP A 10 46.30 4.62 -36.06
CA PHE A 11 49.04 7.28 -36.17
CA VAL A 12 49.92 10.34 -34.18
CA GLU A 13 52.55 12.16 -35.92
CA GLY A 14 54.06 14.87 -33.65
CA LEU A 15 54.55 15.20 -29.88
CA SER A 16 53.93 19.03 -30.33
CA GLY A 17 52.27 21.41 -27.96
CA ALA A 18 55.32 21.38 -25.70
CA THR A 19 54.33 17.71 -25.31
CA TRP A 20 50.79 18.36 -24.57
CA VAL A 21 49.53 15.51 -26.70
CA ASP A 22 45.99 14.38 -26.62
CA VAL A 23 45.59 10.68 -26.91
CA VAL A 24 42.80 8.05 -26.61
CA LEU A 25 43.20 4.23 -26.10
CA GLU A 26 40.40 1.75 -26.89
CA HIS A 27 41.99 -1.64 -26.23
CA GLY A 28 41.45 -3.45 -29.71
CA GLY A 29 44.09 -1.38 -31.56
CA CYS A 30 47.42 0.29 -31.18
CA VAL A 31 48.39 3.99 -31.10
CA THR A 32 51.70 4.58 -32.86
CA THR A 33 53.46 7.87 -32.47
CA MET A 34 56.13 9.67 -34.39
CA ALA A 35 58.06 12.68 -33.29
CA LYS A 36 61.04 14.87 -34.00
CA ASN A 37 63.92 14.73 -31.52
CA LYS A 38 62.06 12.16 -29.31
CA PRO A 39 61.88 8.36 -29.82
CA THR A 40 58.94 6.68 -31.64
CA LEU A 41 56.60 4.23 -29.87
CA ASP A 42 53.79 1.54 -30.29
CA ILE A 43 51.31 1.92 -27.34
CA GLU A 44 48.97 -0.98 -26.62
CA LEU A 45 46.24 -0.90 -24.07
CA GLN A 46 45.61 -4.34 -22.59
CA LYS A 47 43.61 -5.90 -19.57
CA THR A 48 42.04 -3.57 -17.03
CA GLU A 49 42.24 -5.42 -13.75
CA ALA A 50 40.05 -5.29 -10.76
CA THR A 51 40.13 -6.66 -7.16
CA GLN A 52 38.06 -6.78 -3.91
CA LEU A 53 34.68 -6.70 -5.67
CA ALA A 54 31.33 -5.45 -4.40
CA THR A 55 28.15 -7.50 -5.10
CA LEU A 56 24.47 -6.74 -5.42
CA ARG A 57 21.21 -8.24 -6.99
CA LYS A 58 21.57 -11.98 -7.50
CA LEU A 59 18.99 -13.65 -9.71
CA CYS A 60 18.76 -17.26 -10.50
CA ILE A 61 18.58 -18.79 -13.97
CA GLU A 62 17.37 -22.24 -12.73
CA GLY A 63 14.62 -22.85 -10.19
CA LYS A 64 12.91 -25.73 -8.26
CA ILE A 65 9.84 -26.19 -6.21
CA THR A 66 9.42 -28.27 -3.01
CA ASN A 67 6.86 -28.78 -0.19
CA ILE A 68 4.02 -27.67 -2.52
CA THR A 69 0.47 -27.54 -1.00
CA THR A 70 -3.08 -26.31 -2.04
CA ASP A 71 -6.52 -25.81 -0.65
CA SER A 72 -9.97 -24.76 -1.81
CA ARG A 73 -12.98 -22.99 -0.13
CA CYS A 74 -16.73 -23.14 0.20
CA PRO A 75 -18.97 -21.44 -2.57
CA THR A 76 -18.10 -17.67 -2.53
CA GLN A 77 -16.47 -17.76 0.88
CA GLY A 78 -13.39 -15.43 0.24
CA GLU A 79 -9.94 -16.14 1.58
CA ALA A 80 -8.27 -19.24 0.37
CA VAL A 81 -5.29 -18.43 2.66
CA LEU A 82 -2.98 -21.25 3.78
CA PRO A 83 -0.46 -20.51 6.60
CA GLU A 84 2.76 -21.00 4.50
CA GLU A 85 1.30 -18.74 1.65
CA GLN A 86 2.38 -15.99 3.98
CA ASP A 87 6.14 -16.69 3.77
CA GLN A 88 8.69 -15.09 1.30
CA ASN A 89 10.14 -18.28 -0.11
CA TYR A 90 6.54 -19.61 -0.91
CA VAL A 91 5.18 -18.61 -4.25
CA CYS A 92 1.40 -19.11 -4.71
CA LYS A 93 -1.52 -18.36 -7.12
CA HIS A 94 -5.25 -17.70 -6.66
CA THR A 95 -7.87 -19.23 -8.85
CA TYR A 96 -11.66 -19.66 -9.03
CA VAL A 97 -13.09 -23.09 -9.41
CA ASP A 98 -16.70 -24.29 -9.87
CA ARG A 99 -16.68 -27.43 -7.70
CA GLY A 100 -19.48 -29.88 -6.66
CA TRP A 101 -20.36 -32.01 -3.55
CA GLY A 102 -17.68 -34.90 -3.25
CA ASN A 103 -15.01 -32.45 -4.41
CA GLY A 104 -15.22 -31.22 -0.79
CA CYS A 105 -17.79 -28.40 -0.51
CA GLY A 106 -20.88 -29.93 1.43
CA LEU A 107 -23.22 -28.45 -1.27
CA PHE A 108 -22.12 -27.20 -4.69
CA GLY A 109 -21.01 -23.88 -6.40
CA LYS A 110 -18.29 -21.42 -7.44
CA GLY A 111 -15.43 -21.15 -4.76
CA SER A 112 -11.75 -20.26 -4.59
CA LEU A 113 -8.56 -22.33 -4.70
CA VAL A 114 -4.87 -21.69 -4.10
CA THR A 115 -1.79 -23.61 -5.02
CA CYS A 116 1.45 -22.91 -3.00
CA ALA A 117 5.05 -23.98 -3.46
CA LYS A 118 8.27 -23.39 -1.48
CA PHE A 119 10.83 -22.01 -3.97
CA GLN A 120 14.56 -22.98 -4.31
CA CYS A 121 16.88 -20.98 -6.60
CA LEU A 122 19.47 -22.68 -8.67
CA GLU A 123 22.78 -21.15 -9.93
CA PRO A 124 22.52 -17.46 -9.30
CA ILE A 125 23.98 -15.06 -11.82
CA GLU A 126 25.62 -12.94 -9.04
CA GLY A 127 25.78 -9.25 -9.84
CA LYS A 128 29.07 -7.24 -9.11
CA VAL A 129 30.25 -3.69 -9.39
CA VAL A 130 33.73 -2.34 -8.87
CA GLN A 131 34.83 0.40 -6.46
CA TYR A 132 36.87 2.80 -8.47
CA GLU A 133 40.04 2.70 -6.27
CA ASN A 134 40.35 -1.00 -6.87
CA LEU A 135 39.90 -0.71 -10.66
CA LYS A 136 43.34 -0.54 -12.35
CA TYR A 137 44.18 0.05 -15.98
CA THR A 138 47.22 -1.48 -17.92
CA VAL A 139 49.13 0.30 -20.67
CA ILE A 140 52.26 -1.26 -22.23
CA ILE A 141 54.63 1.28 -24.02
CA THR A 142 57.09 -0.09 -26.59
CA VAL A 143 60.13 2.12 -27.90
CA HIS A 144 61.31 1.47 -31.53
CA THR A 145 64.79 0.16 -30.22
CA GLY A 146 64.77 -2.41 -33.17
CA ASP A 147 64.91 -5.59 -30.97
CA GLN A 148 65.05 -9.32 -32.37
CA HIS A 149 61.74 -10.18 -30.70
CA GLN A 150 59.89 -6.88 -31.07
CA VAL A 151 57.17 -7.59 -33.64
CA GLY A 152 53.98 -9.64 -32.98
CA ASN A 153 55.41 -10.65 -29.71
CA GLU A 154 53.70 -9.49 -26.55
CA THR A 155 56.54 -9.43 -23.96
CA GLN A 156 57.97 -6.00 -24.95
CA GLY A 157 57.20 -2.43 -23.71
CA VAL A 158 57.25 -0.82 -20.40
CA THR A 159 54.04 -1.32 -18.55
CA ALA A 160 52.21 1.63 -16.96
CA GLU A 161 49.66 0.97 -14.34
CA ILE A 162 47.26 3.79 -13.66
CA THR A 163 44.56 3.64 -10.88
CA PRO A 164 41.70 6.20 -10.26
CA GLN A 165 43.80 7.10 -7.20
CA ALA A 166 46.97 7.64 -9.23
CA SER A 167 45.87 8.97 -12.66
CA THR A 168 49.21 10.40 -13.61
CA THR A 169 51.69 7.59 -13.88
CA GLU A 170 55.23 7.33 -15.47
CA ALA A 171 56.56 4.96 -18.12
CA ILE A 172 60.27 4.85 -17.27
CA LEU A 173 62.53 3.91 -20.25
CA PRO A 174 66.35 3.34 -19.91
CA GLU A 175 68.40 5.69 -22.12
CA TYR A 176 65.22 7.15 -23.70
CA GLY A 177 63.67 8.99 -20.75
CA THR A 178 60.28 8.62 -18.94
CA LEU A 179 56.85 9.31 -20.46
CA GLY A 180 54.27 10.95 -18.23
CA LEU A 181 50.76 9.65 -19.03
CA GLU A 182 47.94 11.44 -17.12
CA CYS A 183 44.78 9.51 -17.60
CA SER A 184 41.15 10.67 -16.83
CA PRO A 185 39.80 7.60 -15.17
CA ARG A 186 36.29 8.75 -14.49
CA THR A 187 35.46 8.50 -18.09
CA GLY A 188 35.71 5.45 -20.44
CA LEU A 189 33.64 2.45 -19.54
CA ASP A 190 31.45 4.30 -16.83
CA PHE A 191 31.83 1.74 -13.87
CA ASN A 192 28.75 1.25 -11.77
CA GLU A 193 26.43 2.10 -14.74
CA MET A 194 27.20 -1.34 -16.05
CA ILE A 195 26.62 -4.27 -13.63
CA LEU A 196 28.99 -7.28 -13.89
CA LEU A 197 27.07 -10.56 -13.99
CA THR A 198 28.80 -13.91 -13.26
CA MET A 199 27.39 -17.23 -14.51
CA LYS A 200 28.89 -20.72 -14.46
CA ASN A 201 32.49 -19.80 -14.99
CA LYS A 202 32.31 -16.74 -17.32
CA ALA A 203 31.15 -13.17 -16.88
CA TRP A 204 29.81 -10.13 -18.72
CA MET A 205 29.05 -6.43 -18.28
CA VAL A 206 25.51 -5.29 -18.72
CA HIS A 207 23.67 -1.97 -18.42
CA ARG A 208 22.20 -1.22 -14.92
CA GLN A 209 18.63 -0.43 -16.20
CA TRP A 210 18.63 -3.68 -18.38
CA PHE A 211 19.76 -5.54 -15.30
CA PHE A 212 16.64 -4.25 -13.38
CA ASP A 213 14.50 -5.11 -16.41
CA LEU A 214 15.68 -8.81 -16.03
CA PRO A 215 12.66 -11.14 -15.49
CA LEU A 216 14.20 -13.77 -13.20
CA PRO A 217 13.47 -14.36 -9.47
CA TRP A 218 15.49 -11.83 -7.52
CA ALA A 219 17.45 -11.36 -4.31
CA SER A 220 18.93 -8.13 -2.97
CA GLY A 221 22.65 -9.08 -2.95
CA ALA A 222 23.14 -8.50 0.80
CA THR A 223 21.45 -11.91 1.02
CA THR A 224 24.72 -13.92 1.38
CA GLU A 225 23.77 -17.07 3.43
CA THR A 226 20.10 -16.35 3.64
CA PRO A 227 17.45 -16.67 0.87
CA THR A 228 15.04 -13.70 0.70
CA TRP A 229 13.58 -14.50 -2.90
CA ASN A 230 11.18 -12.16 -4.62
CA ARG A 231 9.95 -12.05 -8.31
CA LYS A 232 9.24 -15.79 -8.26
CA GLU A 233 5.91 -15.48 -10.42
CA LEU A 234 7.78 -14.09 -13.42
CA LEU A 235 9.33 -17.48 -14.23
CA VAL A 236 7.09 -19.82 -12.29
CA THR A 237 3.90 -20.82 -14.03
CA PHE A 238 0.96 -22.65 -12.78
CA LYS A 239 -0.54 -25.49 -14.76
CA ASN A 240 -4.15 -26.61 -14.41
CA ALA A 241 -6.69 -29.38 -15.59
CA HIS A 242 -9.68 -27.05 -16.32
CA ALA A 243 -10.34 -25.97 -12.70
CA LYS A 244 -10.13 -29.62 -11.23
CA LYS A 245 -6.53 -29.23 -10.05
CA GLN A 246 -3.70 -26.79 -10.18
CA GLU A 247 0.09 -27.45 -9.99
CA VAL A 248 3.27 -25.33 -10.22
CA VAL A 249 6.25 -25.43 -12.69
CA VAL A 250 9.51 -23.35 -12.83
CA LEU A 251 9.79 -22.74 -16.65
CA GLY A 252 13.17 -24.68 -16.82
CA SER A 253 16.77 -23.69 -16.96
CA GLN A 254 16.93 -20.00 -18.11
CA GLU A 255 20.75 -20.13 -18.89
CA GLY A 256 19.60 -20.61 -22.56
CA ALA A 257 17.19 -17.57 -22.84
CA MET A 258 19.58 -15.68 -20.53
CA HIS A 259 22.63 -16.08 -22.79
CA THR A 260 20.41 -15.39 -25.87
CA ALA A 261 19.34 -12.06 -24.22
CA LEU A 262 22.97 -11.28 -23.51
CA THR A 263 23.77 -11.32 -27.37
CA GLY A 264 25.01 -7.70 -27.50
CA ALA A 265 26.72 -7.41 -24.04
CA THR A 266 30.49 -7.61 -23.55
CA GLU A 267 32.58 -10.49 -22.08
CA ILE A 268 34.68 -10.00 -19.00
CA GLN A 269 37.67 -12.08 -17.69
CA ASN A 270 36.80 -14.61 -14.96
CA SER A 271 38.95 -17.84 -15.39
CA GLY A 272 41.97 -16.58 -13.40
CA GLY A 273 40.94 -13.66 -11.10
CA THR A 274 38.86 -10.85 -12.58
CA SER A 275 39.78 -8.42 -15.29
CA ILE A 276 37.99 -6.21 -17.78
CA PHE A 277 38.39 -6.39 -21.57
CA ALA A 278 37.76 -3.61 -24.11
CA GLY A 279 38.79 -0.90 -21.63
CA HIS A 280 38.20 2.40 -23.32
CA LEU A 281 40.36 5.20 -21.80
CA LYS A 282 41.56 8.78 -22.50
CA CYS A 283 44.61 10.98 -21.43
CA ARG A 284 47.41 13.55 -21.83
CA LEU A 285 50.83 12.47 -23.03
CA LYS A 286 53.60 14.54 -21.24
CA MET A 287 56.77 13.63 -23.05
CA ASP A 288 59.13 16.32 -21.85
CA LYS A 289 61.72 14.07 -20.15
CA LEU A 290 61.72 11.65 -23.20
CA GLU A 291 64.64 12.14 -25.69
CA LEU A 292 65.56 9.98 -28.79
CA LYS A 293 69.12 8.59 -28.36
CA GLY A 294 71.56 7.74 -31.28
CA MET A 295 73.07 11.11 -31.53
CA SER A 296 76.88 11.20 -31.31
CA TYR A 297 77.41 7.69 -32.62
CA ALA A 298 79.40 6.72 -35.66
CA MET A 299 78.15 5.62 -39.22
CA CYS A 300 79.09 1.96 -39.94
CA THR A 301 81.64 1.03 -42.61
CA ASN A 302 82.50 -2.07 -44.62
CA THR A 303 80.39 -5.32 -44.37
CA PHE A 304 76.61 -4.67 -44.00
CA VAL A 305 73.97 -7.26 -45.12
CA LEU A 306 70.17 -7.88 -45.06
CA LYS A 307 68.67 -10.87 -43.12
CA LYS A 308 65.05 -11.25 -44.37
CA GLU A 309 62.46 -10.43 -47.09
CA VAL A 310 60.79 -7.09 -47.63
CA SER A 311 57.12 -6.31 -46.89
CA GLU A 312 54.41 -3.87 -45.84
CA THR A 313 50.67 -4.36 -44.94
CA GLN A 314 49.09 -1.61 -42.73
CA HIS A 315 49.71 1.02 -45.32
CA GLY A 316 52.90 2.74 -43.81
CA THR A 317 54.65 -0.29 -42.45
CA ILE A 318 57.54 -1.52 -44.64
CA LEU A 319 59.55 -4.05 -42.55
CA ILE A 320 63.08 -5.24 -43.04
CA LYS A 321 65.75 -7.22 -41.13
CA VAL A 322 69.42 -6.60 -41.43
CA GLU A 323 72.93 -7.60 -40.11
CA TYR A 324 76.31 -5.94 -39.72
CA LYS A 325 79.95 -6.82 -39.18
CA GLY A 326 82.65 -4.29 -38.43
CA GLU A 327 82.56 -1.42 -35.95
CA ASP A 328 82.15 -2.05 -32.17
CA ALA A 329 79.60 -0.39 -29.70
CA PRO A 330 76.42 1.34 -31.03
CA CYS A 331 76.84 1.84 -34.73
CA LYS A 332 74.49 3.79 -37.02
CA ILE A 333 73.23 2.43 -40.36
CA PRO A 334 72.89 4.82 -43.34
CA PHE A 335 69.55 4.95 -44.92
CA SER A 336 67.49 6.73 -47.74
CA THR A 337 64.00 6.17 -49.51
CA GLU A 338 64.49 6.43 -53.22
CA ASP A 339 61.76 6.12 -55.88
CA GLY A 340 61.16 3.28 -58.41
CA GLN A 341 64.75 3.79 -59.60
CA GLY A 342 64.05 7.53 -60.27
CA LYS A 343 66.50 9.79 -58.48
CA ALA A 344 64.02 11.54 -56.28
CA HIS A 345 64.39 11.21 -52.51
CA ASN A 346 61.25 10.68 -50.39
CA GLY A 347 62.43 10.18 -46.78
CA ARG A 348 59.73 8.71 -44.38
CA LEU A 349 60.98 6.79 -41.23
CA ILE A 350 58.87 5.89 -38.17
CA THR A 351 62.04 4.48 -36.62
CA ALA A 352 64.03 7.13 -34.53
CA ASN A 353 67.25 6.07 -36.06
CA PRO A 354 68.76 2.71 -37.22
CA VAL A 355 71.54 1.76 -34.72
CA VAL A 356 72.91 -1.72 -33.76
CA THR A 357 75.17 -2.92 -30.89
CA LYS A 358 74.86 -6.69 -31.31
CA LYS A 359 75.87 -6.91 -34.90
CA GLU A 360 74.63 -10.37 -35.49
CA GLU A 361 71.07 -9.40 -34.58
CA PRO A 362 68.55 -9.42 -37.44
CA VAL A 363 66.88 -6.17 -35.83
CA ASN A 364 63.90 -4.35 -37.30
CA ILE A 365 63.22 -1.09 -39.25
CA GLU A 366 59.69 0.31 -39.86
CA ALA A 367 59.13 2.98 -42.59
CA GLU A 368 56.55 4.08 -45.20
CA PRO A 369 56.76 3.38 -48.90
CA PRO A 370 54.55 6.19 -50.59
CA PHE A 371 52.22 4.39 -52.95
CA GLY A 372 54.24 3.02 -56.01
CA GLU A 373 57.62 1.27 -56.61
CA SER A 374 59.99 2.01 -53.62
CA ASN A 375 63.78 1.80 -52.74
CA ILE A 376 65.45 1.49 -49.45
CA VAL A 377 69.12 2.05 -49.95
CA ILE A 378 71.72 1.27 -47.35
CA GLY A 379 74.41 3.05 -49.49
CA ILE A 380 77.47 1.58 -47.69
CA GLY A 381 79.94 2.90 -50.33
CA ASP A 382 78.89 3.35 -54.08
CA ASN A 383 75.68 1.32 -54.75
CA ALA A 384 76.17 -1.51 -52.11
CA LEU A 385 72.83 -2.68 -50.64
CA LYS A 386 69.55 -1.59 -52.32
CA ILE A 387 66.18 -3.37 -51.80
CA ASN A 388 63.19 -2.77 -54.11
CA TRP A 389 59.48 -3.35 -53.14
CA TYR A 390 56.17 -2.46 -54.82
CA LYS A 391 53.05 -0.81 -53.40
CA LYS A 392 49.67 -0.99 -55.21
CA GLY A 393 47.98 2.41 -54.46
CA SER A 394 47.59 6.03 -55.34
CA SER A 395 47.47 9.60 -54.00
CA ILE A 396 43.54 9.87 -53.97
CA GLY A 397 43.80 6.54 -52.12
CA LYS A 398 45.36 8.12 -49.00
CA MET A 399 42.52 10.60 -48.86
CA PHE A 400 39.87 7.71 -48.72
CA GLU A 401 42.17 5.86 -46.19
CA ALA A 402 42.10 8.88 -43.80
CA THR A 403 38.40 9.71 -44.38
CA ALA A 404 37.16 6.17 -44.07
CA ARG A 405 38.91 5.62 -40.81
CA GLY A 406 38.05 9.08 -39.25
CA ALA A 407 34.38 8.57 -40.17
CA ARG A 408 34.71 5.32 -38.16
CA ARG A 409 36.25 6.77 -34.87
CA MET A 410 33.58 9.58 -35.02
CA ALA A 411 30.85 6.86 -35.52
CA ILE A 412 32.54 4.84 -32.71
CA LEU A 413 33.72 7.54 -30.27
CA GLY A 414 31.40 10.74 -31.05
CA ASP A 415 32.56 13.77 -28.80
CA THR A 416 35.94 12.23 -27.83
CA ALA A 417 36.80 11.61 -31.48
CA TRP A 418 38.64 14.96 -31.82
CA ASP A 419 41.49 13.84 -29.37
CA PHE A 420 42.72 11.71 -32.39
CA GLY A 421 43.37 15.20 -33.98
CA SER A 422 46.21 15.26 -31.33
CA VAL A 423 47.33 18.86 -30.78
CA GLY A 424 45.21 21.28 -32.82
CA GLY A 425 44.09 24.40 -30.95
CA VAL A 426 40.87 26.12 -31.94
CA LEU A 427 40.32 23.55 -34.78
CA ASN A 428 39.83 20.73 -32.10
CA SER A 429 38.19 22.75 -29.33
CA LEU A 430 35.38 24.34 -31.41
CA GLY A 431 35.36 21.12 -33.39
CA LYS A 432 34.75 19.04 -30.25
CA MET A 433 31.99 21.25 -28.86
CA VAL A 434 29.79 20.80 -31.98
CA HIS A 435 30.15 17.04 -31.68
CA GLN A 436 29.28 17.25 -27.89
CA ILE A 437 26.00 19.02 -28.91
CA PHE A 438 25.52 16.29 -31.57
CA GLY A 439 26.04 13.95 -28.50
CA SER A 440 22.64 14.92 -27.29
CA ALA A 441 21.13 12.87 -30.23
CA TYR A 442 22.81 10.24 -32.50
CA THR A 443 25.19 8.38 -30.08
CA ALA A 444 22.35 8.74 -27.46
CA LEU A 445 19.10 8.70 -29.53
CA PHE A 446 17.74 5.19 -28.71
CA SER A 447 18.32 2.23 -26.46
CA GLY A 448 17.48 -1.49 -26.38
CA VAL A 449 17.21 -1.64 -30.24
CA SER A 450 17.81 -4.54 -32.77
CA TRP A 451 20.79 -3.86 -35.08
CA VAL A 452 18.06 -4.37 -37.78
CA MET A 453 16.39 -1.13 -36.44
CA LYS A 454 19.79 0.73 -36.00
CA ILE A 455 19.99 0.83 -39.81
CA GLY A 456 16.21 0.81 -40.14
CA ILE A 457 15.38 4.27 -38.81
CA GLY A 458 18.16 5.73 -41.10
CA VAL A 459 16.69 4.01 -44.33
CA LEU A 460 13.12 5.12 -43.46
CA LEU A 461 14.28 8.75 -42.63
CA THR A 462 16.24 8.76 -45.88
CA TRP A 463 13.18 7.80 -47.84
CA ILE A 464 10.79 10.25 -46.08
CA GLY A 465 13.37 12.95 -46.36
CA LEU A 466 14.07 12.40 -50.11
CA ASN A 467 10.30 12.60 -50.94
CA SER A 468 9.60 15.55 -48.51
CA LYS A 469 8.10 18.84 -49.64
CA ASN A 470 9.50 22.30 -50.07
CA THR A 471 11.52 24.44 -47.67
CA SER A 472 11.56 21.81 -44.87
CA MET A 473 13.40 19.30 -47.15
CA SER A 474 16.52 21.39 -46.85
CA PHE A 475 16.78 21.17 -43.13
CA SER A 476 15.87 17.58 -42.92
CA CYS A 477 18.26 16.26 -45.56
CA ILE A 478 21.30 17.88 -43.78
CA ALA A 479 20.34 16.18 -40.54
CA ILE A 480 19.38 12.73 -41.87
CA GLY A 481 21.70 12.39 -44.93
CA ILE A 482 24.37 9.64 -44.77
CA ILE A 483 25.35 9.73 -41.18
CA THR A 484 22.12 7.95 -39.76
CA LEU A 485 22.59 5.08 -42.30
CA TYR A 486 26.34 5.14 -41.61
CA LEU A 487 25.84 5.16 -37.79
CA GLY A 488 23.52 2.08 -38.23
CA ALA A 489 26.02 0.18 -40.37
CA VAL A 490 29.08 1.05 -38.00
CA VAL A 491 27.28 0.01 -34.78
CA GLN A 492 27.76 -3.56 -33.59
CA ALA A 493 31.14 -5.49 -33.45
CA SER B 1 14.17 -8.62 -21.85
CA VAL B 2 14.63 -12.09 -23.37
CA ALA B 3 12.56 -11.56 -26.53
CA LEU B 4 11.72 -7.92 -26.84
CA ALA B 5 14.75 -5.66 -26.07
CA PRO B 6 17.73 -8.01 -25.63
CA HIS B 7 21.28 -6.47 -24.99
CA VAL B 8 21.68 -5.63 -28.68
CA GLY B 9 21.80 -1.81 -28.40
CA MET B 10 22.23 -1.18 -24.63
CA GLY B 11 25.36 0.93 -24.91
CA LEU B 12 27.53 -2.15 -24.73
CA ASP B 13 28.53 -2.30 -28.78
CA THR B 14 32.23 -2.52 -27.66
CA ARG B 15 35.55 -2.25 -29.80
CA THR B 16 35.85 -6.04 -29.45
CA GLN B 17 33.14 -8.42 -30.58
CA THR B 18 29.76 -8.65 -28.90
CA TRP B 19 28.51 -11.94 -27.49
CA MET B 20 26.46 -13.29 -30.51
CA SER B 21 27.74 -10.43 -32.82
CA ALA B 22 25.92 -9.37 -35.96
CA GLU B 23 24.96 -13.09 -36.19
CA GLY B 24 22.65 -12.57 -33.26
CA ALA B 25 20.72 -10.01 -35.30
CA TRP B 26 20.62 -12.32 -38.36
CA ARG B 27 19.12 -15.24 -36.25
CA GLN B 28 16.36 -12.86 -34.98
CA VAL B 29 15.31 -11.14 -38.22
CA GLU B 30 14.97 -14.63 -39.93
CA LYS B 31 11.96 -15.52 -37.82
CA VAL B 32 10.33 -12.14 -38.43
CA GLU B 33 10.88 -13.00 -42.18
CA THR B 34 9.41 -16.46 -41.73
CA TRP B 35 6.36 -15.14 -39.99
CA ALA B 36 5.74 -12.64 -42.83
CA LEU B 37 6.16 -15.22 -45.53
CA ARG B 38 3.88 -17.56 -43.51
CA HIS B 39 0.85 -15.12 -43.65
CA PRO B 40 -0.53 -14.49 -47.15
CA GLY B 41 -3.94 -13.28 -45.71
CA PHE B 42 -2.20 -10.90 -43.39
CA THR B 43 -0.35 -9.70 -46.49
CA ILE B 44 -3.75 -9.13 -48.17
CA LEU B 45 -5.19 -7.21 -45.19
CA ALA B 46 -1.98 -5.18 -45.01
CA LEU B 47 -2.13 -4.49 -48.85
CA PHE B 48 -5.66 -3.15 -48.37
CA LEU B 49 -5.01 -0.97 -45.32
CA ALA B 50 -2.09 0.56 -47.16
CA HIS B 51 -4.09 1.20 -50.42
CA TYR B 52 -7.07 3.12 -49.01
CA ILE B 53 -5.25 5.24 -46.35
CA GLY B 54 -4.54 8.59 -48.14
CA THR B 55 -4.37 6.81 -51.56
CA SER B 56 -0.95 8.11 -52.47
CA LEU B 57 2.22 5.95 -52.72
CA THR B 58 4.97 7.13 -50.28
CA GLN B 59 2.15 6.78 -47.68
CA LYS B 60 0.89 3.43 -48.86
CA VAL B 61 4.39 1.81 -49.34
CA VAL B 62 5.68 3.05 -45.97
CA ILE B 63 2.64 1.88 -43.91
CA PHE B 64 2.74 -1.50 -45.76
CA ILE B 65 6.45 -2.12 -44.99
CA LEU B 66 5.74 -0.88 -41.40
CA LEU B 67 2.42 -3.05 -40.80
CA MET B 68 4.02 -6.17 -42.30
CA LEU B 69 7.17 -6.04 -40.06
CA VAL B 70 5.08 -6.38 -36.83
CA THR B 71 6.60 -9.04 -34.50
CA PRO B 72 4.40 -12.14 -33.67
CA MET C 1 -54.39 -8.64 21.41
CA ARG C 2 -50.84 -9.42 22.40
CA CYS C 3 -49.46 -6.91 19.89
CA VAL C 4 -51.53 -3.96 21.21
CA GLY C 5 -48.95 -1.22 21.87
CA VAL C 6 -46.12 -2.49 19.72
CA GLY C 7 -46.40 0.43 17.35
CA ASN C 8 -45.40 -1.47 14.19
CA ARG C 9 -48.56 -3.45 13.43
CA ASP C 10 -51.16 -3.69 10.55
CA PHE C 11 -54.54 -5.56 9.96
CA VAL C 12 -55.17 -8.05 7.10
CA GLU C 13 -58.83 -7.77 6.77
CA GLY C 14 -60.47 -10.64 4.65
CA LEU C 15 -59.47 -13.79 2.85
CA SER C 16 -58.72 -14.37 -0.76
CA GLY C 17 -58.17 -17.13 -3.33
CA ALA C 18 -60.47 -19.46 -1.50
CA THR C 19 -59.10 -19.29 2.17
CA TRP C 20 -55.67 -17.91 1.45
CA VAL C 21 -53.83 -14.74 2.55
CA ASP C 22 -50.23 -13.51 1.61
CA VAL C 23 -48.15 -12.02 4.49
CA VAL C 24 -44.56 -10.65 4.78
CA LEU C 25 -42.97 -10.64 8.17
CA GLU C 26 -39.57 -8.93 8.40
CA HIS C 27 -39.26 -9.07 12.31
CA GLY C 28 -39.89 -5.43 12.80
CA GLY C 29 -43.55 -5.89 11.99
CA CYS C 30 -46.59 -7.41 13.73
CA VAL C 31 -49.38 -8.93 11.56
CA THR C 32 -52.94 -9.12 12.71
CA THR C 33 -55.48 -11.13 10.50
CA MET C 34 -59.25 -11.02 10.47
CA ALA C 35 -61.42 -13.61 8.74
CA LYS C 36 -65.18 -13.61 8.40
CA ASN C 37 -66.47 -16.51 10.68
CA LYS C 38 -62.97 -17.86 11.37
CA PRO C 39 -60.41 -16.91 14.16
CA THR C 40 -58.64 -13.52 14.39
CA LEU C 41 -54.93 -13.71 15.24
CA ASP C 42 -52.04 -11.72 16.13
CA ILE C 43 -49.13 -13.21 14.24
CA GLU C 44 -45.79 -11.90 15.56
CA LEU C 45 -42.45 -12.79 13.90
CA GLN C 46 -39.76 -12.26 16.41
CA LYS C 47 -36.24 -13.73 17.08
CA THR C 48 -34.76 -15.74 14.18
CA GLU C 49 -32.18 -18.21 15.11
CA ALA C 50 -28.99 -19.92 13.86
CA THR C 51 -26.69 -22.81 15.04
CA GLN C 52 -24.11 -25.35 13.49
CA LEU C 53 -22.25 -22.47 11.62
CA ALA C 54 -18.85 -22.11 10.13
CA THR C 55 -16.14 -19.41 10.88
CA LEU C 56 -14.03 -17.62 8.27
CA ARG C 57 -11.65 -14.80 7.64
CA LYS C 58 -10.13 -13.96 11.00
CA LEU C 59 -9.26 -10.19 11.67
CA CYS C 60 -7.53 -8.18 14.37
CA ILE C 61 -8.46 -4.68 15.52
CA GLU C 62 -5.52 -3.61 17.79
CA GLY C 63 -1.82 -4.27 16.99
CA LYS C 64 1.65 -4.46 18.40
CA ILE C 65 5.08 -5.11 16.84
CA THR C 66 7.93 -6.78 18.75
CA ASN C 67 11.73 -7.57 18.55
CA ILE C 68 11.99 -4.62 16.05
CA THR C 69 15.27 -4.01 14.09
CA THR C 70 16.50 -2.13 10.94
CA ASP C 71 19.58 -1.72 8.59
CA SER C 72 20.65 0.15 5.47
CA ARG C 73 23.08 0.17 2.59
CA CYS C 74 24.70 3.07 0.73
CA PRO C 75 24.66 2.47 -3.17
CA THR C 76 27.25 0.10 -4.72
CA GLN C 77 27.19 -2.61 -1.93
CA GLY C 78 23.84 -4.53 -2.17
CA GLU C 79 20.21 -3.58 -1.10
CA ALA C 80 19.04 -3.58 2.63
CA VAL C 81 17.80 -6.84 4.16
CA LEU C 82 18.53 -8.56 7.44
CA PRO C 83 18.18 -12.43 8.01
CA GLU C 84 14.81 -11.88 9.74
CA GLU C 85 13.40 -10.39 6.49
CA GLN C 86 12.60 -14.00 5.22
CA ASP C 87 9.77 -14.68 7.65
CA GLN C 88 6.44 -12.96 7.12
CA ASN C 89 5.06 -13.33 10.69
CA TYR C 90 7.25 -10.14 10.55
CA VAL C 91 6.20 -6.92 9.02
CA CYS C 92 8.82 -5.03 7.23
CA LYS C 93 9.32 -2.22 4.83
CA HIS C 94 12.00 -1.16 2.27
CA THR C 95 12.42 2.55 1.62
CA TYR C 96 15.16 4.75 0.15
CA VAL C 97 17.17 7.28 2.16
CA ASP C 98 20.25 9.64 2.43
CA ARG C 99 23.11 7.41 3.81
CA GLY C 100 26.22 9.56 4.92
CA TRP C 101 29.83 8.26 4.91
CA GLY C 102 30.95 8.66 8.68
CA ASN C 103 27.52 7.18 9.73
CA GLY C 104 29.08 3.75 8.88
CA CYS C 105 30.18 3.68 5.25
CA GLY C 106 32.86 4.99 2.81
CA LEU C 107 30.44 6.66 0.32
CA PHE C 108 27.40 8.94 0.73
CA GLY C 109 24.00 9.38 -0.94
CA LYS C 110 20.54 7.81 -1.51
CA GLY C 111 20.68 4.26 -0.38
CA SER C 112 18.23 1.70 0.77
CA LEU C 113 16.93 1.04 4.26
CA VAL C 114 14.79 -1.57 5.83
CA THR C 115 12.86 -1.77 9.06
CA CYS C 116 11.97 -5.30 10.40
CA ALA C 117 9.44 -6.25 13.20
CA LYS C 118 7.71 -9.51 14.55
CA PHE C 119 3.94 -8.73 14.41
CA GLN C 120 1.39 -9.60 17.17
CA CYS C 121 -2.34 -9.15 17.27
CA LEU C 122 -4.25 -7.85 20.25
CA GLU C 123 -7.97 -8.55 20.51
CA PRO C 124 -9.18 -10.20 17.31
CA ILE C 125 -12.67 -10.73 15.92
CA GLU C 126 -13.91 -13.25 13.30
CA GLY C 127 -16.83 -13.77 10.74
CA LYS C 128 -19.28 -16.51 9.89
CA VAL C 129 -22.01 -17.36 7.48
CA VAL C 130 -25.47 -19.11 7.70
CA GLN C 131 -26.74 -22.20 5.94
CA TYR C 132 -30.56 -22.09 5.31
CA GLU C 133 -31.35 -25.53 6.86
CA ASN C 134 -29.41 -24.25 10.07
CA LEU C 135 -31.51 -21.11 10.27
CA LYS C 136 -34.99 -21.01 11.92
CA TYR C 137 -37.47 -18.15 12.40
CA THR C 138 -39.70 -17.88 15.45
CA VAL C 139 -43.43 -17.10 15.06
CA ILE C 140 -45.96 -16.61 18.01
CA ILE C 141 -49.64 -17.04 16.97
CA THR C 142 -52.00 -15.67 19.56
CA VAL C 143 -55.64 -16.04 18.92
CA HIS C 144 -57.98 -13.29 20.22
CA THR C 145 -60.20 -14.96 23.07
CA GLY C 146 -59.34 -12.06 25.32
CA ASP C 147 -57.55 -13.88 28.25
CA GLN C 148 -55.50 -12.13 30.94
CA HIS C 149 -52.30 -13.93 29.88
CA GLN C 150 -52.29 -12.78 26.26
CA VAL C 151 -52.83 -9.06 26.99
CA GLY C 152 -51.29 -8.60 30.39
CA ASN C 153 -48.47 -11.06 29.50
CA GLU C 154 -46.83 -11.60 26.12
CA THR C 155 -46.28 -15.41 26.69
CA GLN C 156 -49.62 -16.93 25.60
CA GLY C 157 -49.72 -18.11 22.00
CA VAL C 158 -48.61 -21.07 19.85
CA THR C 159 -44.92 -20.96 18.64
CA ALA C 160 -44.03 -21.96 15.08
CA GLU C 161 -40.33 -22.09 14.68
CA ILE C 162 -39.94 -22.77 11.01
CA THR C 163 -36.71 -23.94 9.13
CA PRO C 164 -36.50 -24.21 5.22
CA GLN C 165 -36.68 -28.02 5.64
CA ALA C 166 -40.21 -27.39 7.04
CA SER C 167 -41.19 -24.50 4.50
CA THR C 168 -44.74 -25.79 4.79
CA THR C 169 -45.48 -25.70 8.49
CA GLU C 170 -48.68 -26.17 10.34
CA ALA C 171 -50.05 -24.41 13.42
CA ILE C 172 -52.51 -26.21 15.64
CA LEU C 173 -54.42 -23.77 17.76
CA PRO C 174 -56.20 -25.24 20.84
CA GLU C 175 -59.99 -25.71 20.04
CA TYR C 176 -59.57 -23.46 17.08
CA GLY C 177 -58.28 -26.12 14.60
CA THR C 178 -55.21 -25.92 12.39
CA LEU C 179 -53.56 -23.46 9.99
CA GLY C 180 -51.38 -24.34 6.95
CA LEU C 181 -48.46 -21.94 6.33
CA GLU C 182 -46.81 -22.54 2.94
CA CYS C 183 -43.73 -20.27 3.55
CA SER C 184 -40.93 -18.73 1.38
CA PRO C 185 -38.05 -18.86 3.89
CA ARG C 186 -35.56 -17.79 1.33
CA THR C 187 -36.28 -14.28 -0.09
CA GLY C 188 -35.18 -10.92 1.28
CA LEU C 189 -32.82 -12.56 3.85
CA ASP C 190 -29.51 -12.24 1.79
CA PHE C 191 -27.80 -14.49 4.34
CA ASN C 192 -24.32 -15.35 3.14
CA GLU C 193 -24.25 -12.16 1.09
CA MET C 194 -23.81 -10.68 4.49
CA ILE C 195 -21.15 -11.93 6.95
CA LEU C 196 -22.12 -12.19 10.66
CA LEU C 197 -19.04 -10.91 12.61
CA THR C 198 -18.89 -10.22 16.38
CA MET C 199 -17.18 -8.05 18.98
CA LYS C 200 -17.48 -7.90 22.83
CA ASN C 201 -20.83 -9.71 23.12
CA LYS C 202 -22.46 -7.80 20.28
CA ALA C 203 -22.58 -8.80 16.58
CA TRP C 204 -23.58 -7.46 13.20
CA MET C 205 -24.55 -8.53 9.81
CA VAL C 206 -22.50 -6.59 7.12
CA HIS C 207 -22.40 -6.83 3.31
CA ARG C 208 -19.71 -9.15 1.77
CA GLN C 209 -18.02 -6.54 -0.61
CA TRP C 210 -17.55 -4.26 2.50
CA PHE C 211 -16.24 -6.94 4.77
CA PHE C 212 -13.74 -7.61 1.83
CA ASP C 213 -12.87 -3.85 1.71
CA LEU C 214 -11.54 -3.00 5.09
CA PRO C 215 -7.92 -2.06 6.09
CA LEU C 216 -6.94 -4.79 8.70
CA PRO C 217 -4.64 -7.90 8.98
CA TRP C 218 -6.46 -11.18 8.06
CA ALA C 219 -6.27 -14.98 8.15
CA SER C 220 -8.30 -17.52 6.21
CA GLY C 221 -10.67 -18.48 9.05
CA ALA C 222 -8.06 -20.83 10.57
CA THR C 223 -6.97 -19.44 13.87
CA THR C 224 -4.25 -22.07 14.39
CA GLU C 225 -1.69 -21.68 17.31
CA THR C 226 -0.71 -18.12 16.45
CA PRO C 227 -2.56 -16.62 13.53
CA THR C 228 -0.65 -16.25 10.25
CA TRP C 229 -1.47 -12.64 9.42
CA ASN C 230 -1.78 -11.53 5.82
CA ARG C 231 -1.50 -7.85 4.65
CA LYS C 232 -0.24 -6.68 7.97
CA GLU C 233 0.25 -3.11 6.53
CA LEU C 234 -3.45 -2.41 6.38
CA LEU C 235 -2.93 -1.33 10.17
CA VAL C 236 0.83 -1.31 10.86
CA THR C 237 2.33 1.77 9.23
CA PHE C 238 5.90 2.87 8.46
CA LYS C 239 6.90 6.37 9.30
CA ASN C 240 9.87 8.36 7.90
CA ALA C 241 11.85 11.10 9.70
CA HIS C 242 13.41 13.68 7.29
CA ALA C 243 16.24 11.64 5.87
CA LYS C 244 17.66 9.96 9.09
CA LYS C 245 15.65 6.86 9.70
CA GLN C 246 12.20 5.22 9.33
CA GLU C 247 10.25 4.16 12.43
CA VAL C 248 7.16 1.95 12.71
CA VAL C 249 3.65 2.74 14.17
CA VAL C 250 0.67 0.38 14.77
CA LEU C 251 -2.17 3.04 14.42
CA GLY C 252 -3.86 1.71 17.61
CA SER C 253 -7.20 0.01 18.24
CA GLN C 254 -9.38 0.22 15.16
CA GLU C 255 -12.62 -0.46 17.33
CA GLY C 256 -13.15 3.29 17.17
CA ALA C 257 -12.98 3.59 13.35
CA MET C 258 -14.86 0.29 12.74
CA HIS C 259 -17.95 1.65 14.49
CA THR C 260 -17.50 5.31 13.15
CA ALA C 261 -17.86 3.65 9.79
CA LEU C 262 -20.33 0.75 10.44
CA THR C 263 -23.39 3.07 10.08
CA GLY C 264 -25.87 0.80 8.16
CA ALA C 265 -24.97 -2.43 9.86
CA THR C 266 -27.58 -3.82 12.34
CA GLU C 267 -26.87 -5.22 15.77
CA ILE C 268 -27.30 -9.00 16.27
CA GLN C 269 -28.02 -10.34 19.66
CA ASN C 270 -25.03 -12.32 20.76
CA SER C 271 -26.42 -12.23 24.41
CA GLY C 272 -29.63 -14.11 23.60
CA GLY C 273 -27.43 -16.98 22.14
CA THR C 274 -27.06 -15.08 18.76
CA SER C 275 -30.79 -14.16 18.02
CA ILE C 276 -31.14 -12.35 14.62
CA PHE C 277 -33.31 -9.27 13.96
CA ALA C 278 -34.87 -7.77 10.75
CA GLY C 279 -35.03 -11.12 8.92
CA HIS C 280 -37.58 -11.51 5.99
CA LEU C 281 -40.20 -14.26 5.88
CA LYS C 282 -43.08 -14.48 3.37
CA CYS C 283 -46.00 -16.94 3.86
CA ARG C 284 -49.26 -18.03 2.51
CA LEU C 285 -51.92 -18.54 5.15
CA LYS C 286 -54.18 -21.46 4.27
CA MET C 287 -57.28 -21.39 6.52
CA ASP C 288 -59.04 -24.52 5.18
CA LYS C 289 -58.87 -26.64 8.42
CA LEU C 290 -59.03 -23.61 10.75
CA GLU C 291 -61.94 -23.46 13.23
CA LEU C 292 -64.03 -20.76 14.84
CA LYS C 293 -64.47 -22.29 18.34
CA GLY C 294 -67.86 -20.72 18.76
CA MET C 295 -70.68 -23.27 18.07
CA SER C 296 -72.72 -24.91 20.88
CA TYR C 297 -71.37 -22.08 22.98
CA ALA C 298 -73.26 -20.25 25.64
CA MET C 299 -74.41 -16.98 24.13
CA CYS C 300 -74.42 -14.32 26.83
CA THR C 301 -77.83 -13.28 28.34
CA ASN C 302 -78.41 -12.07 31.95
CA THR C 303 -77.07 -8.93 33.80
CA PHE C 304 -73.98 -7.34 32.25
CA VAL C 305 -71.47 -4.73 33.65
CA LEU C 306 -68.28 -2.92 32.62
CA LYS C 307 -64.68 -2.98 34.16
CA LYS C 308 -62.15 -0.76 32.27
CA GLU C 309 -62.47 2.82 30.97
CA VAL C 310 -62.52 3.53 27.31
CA SER C 311 -59.32 3.77 25.21
CA GLU C 312 -57.61 2.84 22.01
CA THR C 313 -54.17 2.08 20.41
CA GLN C 314 -53.25 1.90 16.69
CA HIS C 315 -55.68 4.28 15.06
CA GLY C 316 -58.96 4.25 16.96
CA THR C 317 -58.70 0.56 17.67
CA ILE C 318 -61.04 0.53 20.72
CA LEU C 319 -60.11 -1.46 23.89
CA ILE C 320 -62.16 -2.59 26.91
CA LYS C 321 -62.63 -5.17 29.78
CA VAL C 322 -66.09 -5.91 31.07
CA GLU C 323 -68.15 -7.65 33.80
CA TYR C 324 -71.03 -10.07 34.05
CA LYS C 325 -73.34 -11.76 36.71
CA GLY C 326 -75.39 -14.84 35.69
CA GLU C 327 -74.63 -18.10 33.80
CA ASP C 328 -71.81 -20.48 35.01
CA ALA C 329 -70.74 -21.89 31.67
CA PRO C 330 -68.24 -20.01 29.40
CA CYS C 331 -70.44 -17.22 27.94
CA LYS C 332 -69.40 -15.83 24.53
CA ILE C 333 -70.37 -12.21 24.25
CA PRO C 334 -72.92 -10.93 21.54
CA PHE C 335 -71.95 -7.44 20.38
CA SER C 336 -72.60 -5.18 17.53
CA THR C 337 -71.22 -1.78 16.25
CA GLU C 338 -74.04 0.54 15.59
CA ASP C 339 -74.69 4.07 14.42
CA GLY C 340 -73.77 6.86 16.83
CA GLN C 341 -77.32 8.10 16.84
CA GLY C 342 -79.63 5.31 15.40
CA LYS C 343 -79.12 1.58 14.97
CA ALA C 344 -77.14 0.54 11.84
CA HIS C 345 -74.30 -2.06 11.78
CA ASN C 346 -71.07 -0.22 10.76
CA GLY C 347 -68.05 -2.10 12.40
CA ARG C 348 -65.85 -5.10 12.62
CA LEU C 349 -65.14 -6.95 15.78
CA ILE C 350 -61.56 -8.18 15.84
CA THR C 351 -62.26 -10.42 18.89
CA ALA C 352 -63.59 -13.63 17.45
CA ASN C 353 -64.93 -15.10 20.76
CA PRO C 354 -64.92 -12.89 23.88
CA VAL C 355 -65.29 -15.60 26.45
CA VAL C 356 -65.97 -14.98 30.05
CA THR C 357 -65.35 -18.11 32.33
CA LYS C 358 -64.65 -16.75 35.86
CA LYS C 359 -68.22 -15.39 35.44
CA GLU C 360 -67.56 -11.92 36.54
CA GLU C 361 -64.07 -12.18 34.71
CA PRO C 362 -62.51 -8.99 33.33
CA VAL C 363 -61.22 -10.37 29.92
CA ASN C 364 -60.23 -8.10 27.07
CA ILE C 365 -62.02 -6.82 23.90
CA GLU C 366 -60.36 -5.31 20.86
CA ALA C 367 -62.42 -3.92 17.95
CA GLU C 368 -62.44 -1.89 14.63
CA PRO C 369 -65.23 0.83 14.66
CA PRO C 370 -66.17 3.25 11.89
CA PHE C 371 -64.91 6.77 11.37
CA GLY C 372 -66.93 9.35 13.26
CA GLU C 373 -69.40 8.70 16.12
CA SER C 374 -70.37 5.11 16.98
CA ASN C 375 -72.05 2.91 19.60
CA ILE C 376 -70.83 -0.60 20.37
CA VAL C 377 -73.88 -2.41 21.97
CA ILE C 378 -74.32 -5.80 23.72
CA GLY C 379 -78.18 -5.47 24.11
CA ILE C 380 -78.42 -7.73 27.13
CA GLY C 381 -81.82 -7.49 28.93
CA ASP C 382 -83.01 -3.83 29.10
CA ASN C 383 -79.79 -2.82 27.14
CA ALA C 384 -77.55 -3.06 30.23
CA LEU C 385 -74.24 -2.16 28.33
CA LYS C 386 -74.06 0.43 25.70
CA ILE C 387 -70.98 2.48 24.77
CA ASN C 388 -70.84 5.66 22.84
CA TRP C 389 -67.55 6.90 21.24
CA TYR C 390 -66.31 9.18 18.53
CA LYS C 391 -63.47 7.95 16.47
CA LYS C 392 -61.41 10.97 15.41
CA GLY C 393 -59.86 9.35 12.33
CA SER C 394 -62.24 10.36 9.45
CA SER C 395 -62.60 8.55 6.14
CA ILE C 396 -59.95 10.88 4.71
CA GLY C 397 -57.72 10.88 7.98
CA LYS C 398 -57.78 7.08 7.58
CA MET C 399 -56.85 7.24 3.81
CA PHE C 400 -54.02 9.88 4.58
CA GLU C 401 -52.27 8.06 7.53
CA ALA C 402 -52.93 4.76 5.57
CA THR C 403 -51.12 6.27 2.41
CA ALA C 404 -48.39 7.09 4.71
CA ARG C 405 -47.98 3.86 6.77
CA GLY C 406 -48.32 1.75 3.51
CA ALA C 407 -45.85 3.84 1.46
CA ARG C 408 -43.18 3.23 4.07
CA ARG C 409 -43.45 -0.61 3.95
CA MET C 410 -43.56 -0.32 0.16
CA ALA C 411 -40.22 1.44 -0.36
CA ILE C 412 -38.78 -0.71 2.56
CA LEU C 413 -39.58 -4.05 0.90
CA GLY C 414 -39.08 -2.55 -2.71
CA ASP C 415 -40.16 -5.03 -5.53
CA THR C 416 -41.08 -7.88 -3.25
CA ALA C 417 -43.43 -5.59 -1.24
CA TRP C 418 -46.41 -5.92 -3.61
CA ASP C 419 -46.45 -9.69 -2.72
CA PHE C 420 -48.22 -8.61 0.48
CA GLY C 421 -51.45 -8.25 -1.61
CA SER C 422 -53.24 -11.23 -0.37
CA VAL C 423 -54.38 -13.16 -3.57
CA GLY C 424 -55.82 -10.03 -5.39
CA GLY C 425 -56.73 -12.11 -8.57
CA VAL C 426 -55.31 -12.54 -12.03
CA LEU C 427 -55.34 -8.78 -12.92
CA ASN C 428 -53.59 -7.65 -9.63
CA SER C 429 -51.12 -10.58 -9.78
CA LEU C 430 -50.05 -9.45 -13.30
CA GLY C 431 -49.36 -5.93 -11.74
CA LYS C 432 -47.68 -7.64 -8.81
CA MET C 433 -45.26 -9.29 -11.24
CA VAL C 434 -44.76 -6.00 -13.06
CA HIS C 435 -43.95 -4.09 -9.75
CA GLN C 436 -41.46 -6.93 -8.94
CA ILE C 437 -39.93 -7.05 -12.43
CA PHE C 438 -39.86 -3.26 -12.91
CA GLY C 439 -38.43 -2.62 -9.38
CA SER C 440 -35.80 -5.38 -9.54
CA ALA C 441 -33.99 -4.17 -12.64
CA TYR C 442 -33.44 -0.65 -11.61
CA THR C 443 -32.59 -1.47 -7.92
CA ALA C 444 -29.31 -2.83 -9.14
CA LEU C 445 -28.30 0.59 -10.51
CA PHE C 446 -29.28 2.48 -7.32
CA SER C 447 -27.54 0.36 -4.63
CA GLY C 448 -24.58 1.68 -2.78
CA VAL C 449 -25.57 5.26 -1.87
CA SER C 450 -27.89 6.22 0.96
CA TRP C 451 -30.47 8.66 2.43
CA VAL C 452 -28.85 12.22 1.79
CA MET C 453 -26.93 11.31 -1.45
CA LYS C 454 -30.03 9.36 -2.65
CA ILE C 455 -32.62 12.16 -2.38
CA GLY C 456 -30.13 14.76 -3.42
CA ILE C 457 -29.26 13.27 -6.71
CA GLY C 458 -33.08 12.38 -7.03
CA VAL C 459 -33.87 16.07 -6.87
CA LEU C 460 -31.12 17.17 -9.36
CA LEU C 461 -32.05 14.51 -11.91
CA THR C 462 -35.72 15.35 -11.69
CA TRP C 463 -34.73 18.99 -12.12
CA ILE C 464 -32.61 18.47 -15.31
CA GLY C 465 -35.59 16.26 -16.38
CA LEU C 466 -38.01 19.12 -15.74
CA ASN C 467 -35.91 21.75 -17.41
CA SER C 468 -35.30 19.55 -20.47
CA LYS C 469 -36.88 20.45 -23.81
CA ASN C 470 -38.66 19.29 -27.14
CA THR C 471 -41.75 17.35 -25.62
CA SER C 472 -39.30 14.92 -23.92
CA MET C 473 -39.40 16.57 -20.46
CA SER C 474 -42.84 14.95 -19.79
CA PHE C 475 -41.41 11.42 -20.44
CA SER C 476 -38.54 12.31 -18.26
CA CYS C 477 -40.60 13.52 -15.46
CA ILE C 478 -42.60 10.22 -15.77
CA ALA C 479 -39.32 8.21 -15.53
CA ILE C 480 -37.79 10.22 -12.59
CA GLY C 481 -40.44 12.04 -10.42
CA ILE C 482 -42.23 10.80 -7.27
CA ILE C 483 -40.47 7.24 -7.12
CA THR C 484 -36.88 8.53 -6.82
CA LEU C 485 -37.66 10.96 -3.92
CA TYR C 486 -39.93 8.73 -1.70
CA LEU C 487 -37.50 5.84 -2.06
CA GLY C 488 -34.42 8.02 -1.03
CA ALA C 489 -36.24 9.20 2.12
CA VAL C 490 -37.69 5.99 3.62
CA VAL C 491 -34.42 3.88 3.56
CA GLN C 492 -31.99 2.94 6.44
CA ALA C 493 -33.69 2.68 9.88
CA SER D 1 -13.76 0.61 4.10
CA VAL D 2 -13.67 2.38 7.41
CA ALA D 3 -11.74 5.39 6.04
CA LEU D 4 -13.78 5.93 2.81
CA ALA D 5 -17.16 4.43 1.82
CA PRO D 6 -18.72 3.56 5.17
CA HIS D 7 -21.40 0.78 5.68
CA VAL D 8 -24.11 2.63 3.69
CA GLY D 9 -27.31 1.70 1.65
CA MET D 10 -26.16 -1.68 0.19
CA GLY D 11 -29.40 -3.67 0.84
CA LEU D 12 -29.19 -2.49 4.49
CA ASP D 13 -31.84 0.02 3.52
CA THR D 14 -34.51 -2.08 5.44
CA ARG D 15 -36.72 -1.50 8.60
CA THR D 16 -35.61 -1.91 12.33
CA GLN D 17 -32.79 0.45 13.66
CA THR D 18 -29.21 0.51 12.14
CA TRP D 19 -25.95 1.52 13.82
CA MET D 20 -25.68 5.30 12.79
CA SER D 21 -28.67 6.03 10.37
CA ALA D 22 -29.33 9.61 11.38
CA GLU D 23 -26.03 10.10 13.17
CA GLY D 24 -23.31 9.24 10.58
CA ALA D 25 -25.27 10.82 7.66
CA TRP D 26 -25.71 14.08 9.52
CA ARG D 27 -22.14 14.16 10.93
CA GLN D 28 -20.99 13.91 7.30
CA VAL D 29 -22.92 16.97 6.12
CA GLU D 30 -21.77 18.78 9.30
CA LYS D 31 -18.13 18.42 8.22
CA VAL D 32 -18.70 19.49 4.69
CA GLU D 33 -20.45 22.66 6.16
CA THR D 34 -17.66 23.11 8.78
CA TRP D 35 -14.78 23.21 6.32
CA ALA D 36 -16.56 24.94 3.43
CA LEU D 37 -17.46 27.79 5.94
CA ARG D 38 -14.08 27.75 7.58
CA HIS D 39 -12.17 28.64 4.55
CA PRO D 40 -13.85 31.04 1.93
CA GLY D 41 -11.25 30.24 -0.87
CA PHE D 42 -12.91 27.16 -2.44
CA THR D 43 -16.26 29.09 -2.61
CA ILE D 44 -14.37 31.78 -4.61
CA LEU D 45 -12.83 29.09 -6.99
CA ALA D 46 -16.40 27.64 -7.41
CA LEU D 47 -18.18 30.99 -8.24
CA PHE D 48 -15.21 31.83 -10.60
CA LEU D 49 -15.59 28.47 -12.46
CA ALA D 50 -19.35 28.94 -12.38
CA HIS D 51 -19.08 32.39 -14.14
CA TYR D 52 -16.61 30.83 -16.66
CA ILE D 53 -18.87 27.80 -17.57
CA GLY D 54 -22.30 27.21 -19.47
CA THR D 55 -23.85 30.45 -20.73
CA SER D 56 -27.28 28.78 -20.44
CA LEU D 57 -27.74 29.35 -16.61
CA THR D 58 -28.43 25.93 -14.94
CA GLN D 59 -24.84 24.69 -15.53
CA LYS D 60 -23.47 27.32 -13.00
CA VAL D 61 -25.88 26.55 -10.12
CA VAL D 62 -25.46 22.71 -10.56
CA ILE D 63 -21.54 22.51 -10.72
CA PHE D 64 -21.30 25.02 -7.87
CA ILE D 65 -23.41 23.02 -5.33
CA LEU D 66 -21.94 19.81 -6.66
CA LEU D 67 -18.19 21.01 -6.43
CA MET D 68 -18.67 22.53 -2.78
CA LEU D 69 -20.32 19.28 -1.55
CA VAL D 70 -17.52 16.94 -2.74
CA THR D 71 -15.00 18.10 -0.13
CA PRO D 72 -13.21 15.34 1.94
CA MET E 1 31.81 19.35 6.71
CA ARG E 2 29.03 17.94 8.96
CA CYS E 3 26.47 17.96 6.12
CA VAL E 4 28.09 14.76 4.53
CA GLY E 5 24.94 12.81 4.10
CA VAL E 6 21.84 14.86 3.44
CA GLY E 7 21.56 15.71 -0.22
CA ASN E 8 19.54 18.86 0.61
CA ARG E 9 21.78 21.79 1.32
CA ASP E 10 22.06 25.23 -0.31
CA PHE E 11 24.95 27.75 -0.62
CA VAL E 12 25.20 31.26 0.77
CA GLU E 13 28.09 32.57 -1.19
CA GLY E 14 29.23 36.17 -0.61
CA LEU E 15 29.09 38.90 2.13
CA SER E 16 25.71 40.40 0.85
CA GLY E 17 25.14 43.97 2.32
CA ALA E 18 28.63 44.17 3.83
CA THR E 19 27.90 41.30 6.30
CA TRP E 20 24.04 42.04 6.39
CA VAL E 21 23.31 38.65 4.83
CA ASP E 22 19.69 37.24 4.79
CA VAL E 23 19.12 33.64 5.54
CA VAL E 24 16.51 30.98 6.37
CA LEU E 25 16.99 27.62 8.15
CA GLU E 26 14.21 24.93 7.58
CA HIS E 27 15.41 21.91 9.77
CA GLY E 28 15.47 19.57 6.77
CA GLY E 29 18.44 21.38 5.15
CA CYS E 30 21.89 22.92 5.69
CA VAL E 31 23.03 26.38 4.86
CA THR E 32 26.72 26.34 3.92
CA THR E 33 28.35 29.67 3.55
CA MET E 34 31.51 31.14 1.81
CA ALA E 35 32.52 34.78 2.34
CA LYS E 36 35.44 36.90 0.97
CA ASN E 37 38.59 35.89 2.74
CA LYS E 38 36.62 34.17 5.56
CA PRO E 39 36.26 30.50 6.57
CA THR E 40 33.53 28.12 5.45
CA LEU E 41 30.72 26.92 7.79
CA ASP E 42 27.84 24.45 7.87
CA ILE E 43 24.99 25.98 9.76
CA GLU E 44 22.20 23.43 10.73
CA LEU E 45 19.01 24.26 12.55
CA GLN E 46 18.17 21.09 14.42
CA LYS E 47 16.19 20.28 17.68
CA THR E 48 13.82 22.94 19.13
CA GLU E 49 12.42 22.54 22.67
CA ALA E 50 9.30 23.91 24.23
CA THR E 51 9.06 24.81 27.91
CA GLN E 52 6.40 26.09 30.44
CA LEU E 53 3.27 24.61 28.81
CA ALA E 54 -0.48 25.20 29.11
CA THR E 55 -2.82 22.16 29.06
CA LEU E 56 -6.17 22.95 27.37
CA ARG E 57 -9.41 21.14 26.39
CA LYS E 58 -8.75 17.46 27.06
CA LEU E 59 -10.60 14.78 25.14
CA CYS E 60 -11.09 10.95 25.61
CA ILE E 61 -11.13 8.24 22.91
CA GLU E 62 -12.64 5.38 24.98
CA GLY E 63 -15.73 5.66 27.31
CA LYS E 64 -17.79 3.56 29.68
CA ILE E 65 -21.11 3.79 31.33
CA THR E 66 -22.01 2.37 34.79
CA ASN E 67 -25.14 2.50 37.02
CA ILE E 68 -27.57 2.47 33.89
CA THR E 69 -31.37 2.90 34.45
CA THR E 70 -34.32 3.89 32.51
CA ASP E 71 -37.99 4.68 32.91
CA SER E 72 -41.12 5.50 31.10
CA ARG E 73 -44.49 7.28 31.64
CA CYS E 74 -48.14 7.12 30.43
CA PRO E 75 -49.04 8.19 26.79
CA THR E 76 -48.85 11.96 26.32
CA GLN E 77 -49.63 12.78 29.93
CA GLY E 78 -46.59 11.72 31.85
CA GLU E 79 -43.55 13.84 31.84
CA ALA E 80 -40.36 11.71 32.18
CA VAL E 81 -38.53 13.02 35.31
CA LEU E 82 -35.37 11.22 36.57
CA PRO E 83 -32.95 13.09 39.17
CA GLU E 84 -29.72 11.99 37.48
CA GLU E 85 -31.05 13.12 33.99
CA GLN E 86 -29.90 16.64 35.05
CA ASP E 87 -26.35 15.57 35.95
CA GLN E 88 -23.07 16.53 34.14
CA ASN E 89 -21.61 13.09 35.23
CA TYR E 90 -24.56 11.39 33.52
CA VAL E 91 -25.23 10.70 29.78
CA CYS E 92 -28.86 10.31 29.04
CA LYS E 93 -31.53 10.37 26.37
CA HIS E 94 -35.25 11.28 26.28
CA THR E 95 -37.30 9.31 23.66
CA TYR E 96 -40.93 8.60 22.76
CA VAL E 97 -41.79 4.90 22.83
CA ASP E 98 -44.70 2.59 21.86
CA ARG E 99 -46.53 1.41 24.93
CA GLY E 100 -49.84 -0.36 25.63
CA TRP E 101 -51.54 -2.78 28.10
CA GLY E 102 -48.92 -5.37 29.44
CA ASN E 103 -46.46 -2.37 29.55
CA GLY E 104 -48.11 -1.26 32.82
CA CYS E 105 -49.36 2.07 31.53
CA GLY E 106 -53.08 2.68 31.74
CA LEU E 107 -53.50 4.57 28.48
CA PHE E 108 -52.19 2.90 25.46
CA GLY E 109 -50.15 4.35 22.62
CA LYS E 110 -46.83 5.95 22.49
CA GLY E 111 -45.38 7.69 25.58
CA SER E 112 -42.06 9.10 26.77
CA LEU E 113 -39.00 7.18 27.99
CA VAL E 114 -35.64 8.14 29.34
CA THR E 115 -32.47 6.11 29.44
CA CYS E 116 -29.89 7.18 31.96
CA ALA E 117 -26.26 6.17 32.34
CA LYS E 118 -23.60 7.37 34.86
CA PHE E 119 -20.53 8.23 32.47
CA GLN E 120 -16.84 7.29 32.89
CA CYS E 121 -14.01 8.29 30.51
CA LEU E 122 -11.46 5.75 29.56
CA GLU E 123 -7.99 6.95 28.15
CA PRO E 124 -7.94 10.76 27.59
CA ILE E 125 -5.38 13.00 25.72
CA GLU E 126 -4.81 16.74 25.97
CA GLY E 127 -4.02 19.72 23.79
CA LYS E 128 -1.41 22.31 24.66
CA VAL E 129 0.01 25.59 23.80
CA VAL E 130 3.30 27.25 24.90
CA GLN E 131 4.18 30.89 25.49
CA TYR E 132 6.38 32.06 22.67
CA GLU E 133 9.22 33.29 24.86
CA ASN E 134 9.53 29.81 26.28
CA LEU E 135 10.33 28.07 22.97
CA LYS E 136 13.99 27.48 22.03
CA TYR E 137 15.48 26.66 18.63
CA THR E 138 18.92 25.06 18.40
CA VAL E 139 21.36 25.99 15.74
CA ILE E 140 24.47 23.86 15.32
CA ILE E 141 27.59 25.59 13.65
CA THR E 142 30.35 23.15 12.51
CA VAL E 143 33.46 24.92 10.79
CA HIS E 144 35.27 23.17 7.83
CA THR E 145 38.28 22.14 10.02
CA GLY E 146 38.64 18.88 8.10
CA ASP E 147 39.14 17.05 11.47
CA GLN E 148 38.55 13.25 11.80
CA HIS E 149 36.19 13.30 14.83
CA GLN E 150 34.25 16.17 13.15
CA VAL E 151 33.34 14.33 9.97
CA GLY E 152 33.00 10.77 11.50
CA ASN E 153 30.53 11.92 14.13
CA GLU E 154 27.37 13.89 13.20
CA THR E 155 27.14 15.54 16.68
CA GLN E 156 30.07 17.67 16.11
CA GLY E 157 30.02 21.54 16.12
CA VAL E 158 29.13 24.49 18.36
CA THR E 159 25.55 24.88 19.64
CA ALA E 160 23.51 28.08 19.81
CA GLU E 161 20.05 27.62 21.54
CA ILE E 162 17.91 30.65 20.95
CA THR E 163 14.43 32.09 22.17
CA PRO E 164 12.60 35.43 20.96
CA GLN E 165 14.03 37.30 24.04
CA ALA E 166 17.52 36.03 22.95
CA SER E 167 16.80 36.60 19.19
CA THR E 168 20.31 38.03 18.79
CA THR E 169 23.24 35.67 19.55
CA GLU E 170 26.96 35.64 19.57
CA ALA E 171 28.40 32.22 18.27
CA ILE E 172 32.00 31.72 19.78
CA LEU E 173 33.94 29.38 17.56
CA PRO E 174 37.64 28.67 18.79
CA GLU E 175 40.11 30.49 16.43
CA TYR E 176 37.37 30.89 13.78
CA GLY E 177 35.81 33.89 15.62
CA THR E 178 32.27 34.66 16.45
CA LEU E 179 29.14 34.97 14.21
CA GLY E 180 26.46 37.58 14.96
CA LEU E 181 23.14 35.99 14.06
CA GLU E 182 20.06 38.24 14.40
CA CYS E 183 16.93 36.01 14.29
CA SER E 184 13.31 36.37 13.42
CA PRO E 185 12.03 33.46 15.61
CA ARG E 186 8.53 34.68 16.78
CA THR E 187 7.48 33.49 13.40
CA GLY E 188 8.42 29.85 12.84
CA LEU E 189 6.78 26.83 14.48
CA ASP E 190 3.75 29.06 15.32
CA PHE E 191 2.51 28.24 18.73
CA ASN E 192 -1.09 28.93 19.70
CA GLU E 193 -1.98 28.93 15.97
CA MET E 194 -0.86 25.33 16.09
CA ILE E 195 -1.74 23.06 19.05
CA LEU E 196 0.53 20.30 20.39
CA LEU E 197 -1.87 17.34 21.31
CA THR E 198 -1.12 13.82 22.69
CA MET E 199 -1.86 10.07 22.91
CA LYS E 200 0.28 7.04 23.77
CA ASN E 201 4.04 7.46 23.73
CA LYS E 202 4.11 10.39 21.22
CA ALA E 203 2.45 13.70 20.20
CA TRP E 204 1.48 15.93 17.13
CA MET E 205 1.05 19.59 16.20
CA VAL E 206 -2.25 20.61 14.67
CA HIS E 207 -4.02 23.70 13.52
CA ARG E 208 -5.99 25.39 16.40
CA GLN E 209 -9.46 25.36 14.60
CA TRP E 210 -8.97 21.64 14.12
CA PHE E 211 -8.20 20.75 17.76
CA PHE E 212 -11.45 22.71 18.73
CA ASP E 213 -13.51 20.80 16.25
CA LEU E 214 -12.82 17.01 16.39
CA PRO E 215 -15.82 15.01 17.62
CA LEU E 216 -14.77 13.51 21.10
CA PRO E 217 -16.18 14.31 24.68
CA TRP E 218 -14.10 16.97 26.39
CA ALA E 219 -12.88 18.42 29.64
CA SER E 220 -10.84 21.57 30.33
CA GLY E 221 -7.35 21.05 31.79
CA ALA E 222 -6.92 21.37 35.58
CA THR E 223 -9.10 18.36 36.17
CA THR E 224 -8.26 15.39 38.50
CA GLU E 225 -11.44 13.24 39.19
CA THR E 226 -13.31 16.46 38.29
CA PRO E 227 -13.52 16.28 34.36
CA THR E 228 -16.81 17.17 32.68
CA TRP E 229 -16.73 15.29 29.41
CA ASN E 230 -19.08 17.71 27.57
CA ARG E 231 -20.82 16.35 24.46
CA LYS E 232 -20.58 12.70 25.59
CA GLU E 233 -23.08 11.43 22.89
CA LEU E 234 -20.21 11.81 20.43
CA LEU E 235 -19.23 8.35 21.90
CA VAL E 236 -22.18 6.53 23.35
CA THR E 237 -25.25 5.49 21.28
CA PHE E 238 -28.84 4.53 22.08
CA LYS E 239 -30.44 1.26 20.80
CA ASN E 240 -34.06 -0.01 20.67
CA ALA E 241 -35.28 -3.67 20.74
CA HIS E 242 -37.76 -3.54 17.97
CA ALA E 243 -39.19 -0.19 19.10
CA LYS E 244 -39.08 -0.68 22.90
CA LYS E 245 -36.65 -1.74 25.62
CA GLN E 246 -34.03 1.05 24.86
CA GLU E 247 -30.48 0.48 25.98
CA VAL E 248 -27.14 2.28 25.59
CA VAL E 249 -23.82 1.14 23.92
CA VAL E 250 -20.47 2.98 24.01
CA LEU E 251 -19.39 2.82 20.37
CA GLY E 252 -15.57 2.18 20.79
CA SER E 253 -12.00 3.13 21.39
CA GLN E 254 -11.66 6.24 19.04
CA GLU E 255 -7.76 5.79 18.95
CA GLY E 256 -8.33 4.17 15.52
CA ALA E 257 -10.53 7.00 14.11
CA MET E 258 -8.09 9.62 15.63
CA HIS E 259 -5.01 8.51 13.83
CA THR E 260 -7.08 7.79 10.68
CA ALA E 261 -7.73 11.50 10.51
CA LEU E 262 -4.29 12.85 11.56
CA THR E 263 -2.72 12.33 7.98
CA GLY E 264 -0.85 15.62 7.45
CA ALA E 265 0.37 16.12 11.02
CA THR E 266 3.98 15.90 12.09
CA GLU E 267 5.36 13.95 15.12
CA ILE E 268 6.79 15.38 18.34
CA GLN E 269 8.37 13.23 21.14
CA ASN E 270 7.14 14.73 24.40
CA SER E 271 9.44 12.19 26.43
CA GLY E 272 12.51 13.60 24.65
CA GLY E 273 12.31 16.58 27.22
CA THR E 274 9.65 18.31 25.12
CA SER E 275 11.87 17.90 22.01
CA ILE E 276 10.23 19.19 18.69
CA PHE E 277 11.63 19.31 15.27
CA ALA E 278 10.96 20.28 11.64
CA GLY E 279 10.25 23.98 11.87
CA HIS E 280 11.93 27.04 10.37
CA LEU E 281 14.02 29.86 11.79
CA LYS E 282 15.20 33.07 10.12
CA CYS E 283 17.94 35.70 10.70
CA ARG E 284 20.71 37.95 9.45
CA LEU E 285 24.20 36.42 9.19
CA LYS E 286 26.92 38.89 10.51
CA MET E 287 30.51 37.52 9.90
CA ASP E 288 32.00 40.92 11.24
CA LYS E 289 34.05 38.97 13.93
CA LEU E 290 34.79 36.03 11.66
CA GLU E 291 38.44 35.03 11.05
CA LEU E 292 40.03 32.41 8.90
CA LYS E 293 42.47 30.69 11.34
CA GLY E 294 45.67 32.63 10.16
CA MET E 295 45.89 32.97 6.47
CA SER E 296 49.09 34.91 7.08
CA TYR E 297 50.92 31.78 7.97
CA ALA E 298 52.81 29.65 5.42
CA MET E 299 51.41 27.28 2.76
CA CYS E 300 53.17 23.88 3.20
CA THR E 301 55.69 21.85 1.07
CA ASN E 302 56.99 18.13 1.16
CA THR E 303 54.71 15.10 0.86
CA PHE E 304 51.03 14.82 0.14
CA VAL E 305 49.01 11.56 -0.51
CA LEU E 306 45.38 10.30 -0.65
CA LYS E 307 43.42 8.37 1.88
CA LYS E 308 40.17 7.29 0.19
CA GLU E 309 38.23 7.49 -3.19
CA VAL E 310 36.27 10.57 -4.31
CA SER E 311 32.64 11.06 -4.57
CA GLU E 312 30.06 13.85 -4.24
CA THR E 313 26.50 14.21 -2.95
CA GLN E 314 25.02 17.78 -3.24
CA HIS E 315 25.14 18.69 -6.92
CA GLY E 316 29.00 18.87 -7.22
CA THR E 317 30.25 18.92 -3.62
CA ILE E 318 33.31 16.72 -4.20
CA LEU E 319 34.72 15.16 -0.99
CA ILE E 320 38.28 13.76 -0.64
CA LYS E 321 40.36 12.51 2.35
CA VAL E 322 44.02 12.87 2.08
CA GLU E 323 47.43 12.40 3.94
CA TYR E 324 50.51 14.66 4.40
CA LYS E 325 54.08 14.20 5.67
CA GLY E 326 56.61 17.04 5.99
CA GLU E 327 56.59 20.56 7.49
CA ASP E 328 56.18 21.49 11.16
CA ALA E 329 54.32 24.49 12.71
CA PRO E 330 50.64 25.45 11.80
CA CYS E 331 50.32 25.62 7.97
CA LYS E 332 48.01 25.54 5.10
CA ILE E 333 47.79 23.14 2.11
CA PRO E 334 48.75 24.41 -1.41
CA PHE E 335 46.18 23.76 -4.09
CA SER E 336 44.52 24.74 -7.42
CA THR E 337 41.46 23.61 -9.32
CA GLU E 338 42.34 23.44 -13.08
CA ASP E 339 40.45 22.91 -16.40
CA GLY E 340 42.43 21.04 -19.27
CA GLN E 341 45.43 22.64 -17.46
CA GLY E 342 43.73 25.99 -18.02
CA LYS E 343 43.33 28.63 -15.38
CA ALA E 344 39.60 29.29 -15.80
CA HIS E 345 39.00 28.21 -12.09
CA ASN E 346 35.21 28.24 -12.48
CA GLY E 347 34.57 26.18 -9.24
CA ARG E 348 35.07 27.06 -5.57
CA LEU E 349 36.95 25.44 -2.62
CA ILE E 350 34.12 25.13 -0.01
CA THR E 351 36.70 24.22 2.72
CA ALA E 352 38.35 27.59 2.09
CA ASN E 353 42.06 26.72 2.31
CA PRO E 354 42.74 23.48 4.29
CA VAL E 355 44.92 23.57 7.46
CA VAL E 356 47.43 21.41 9.26
CA THR E 357 49.10 21.25 12.65
CA LYS E 358 48.48 17.61 13.88
CA LYS E 359 50.33 16.34 10.75
CA GLU E 360 49.26 12.68 11.29
CA GLU E 361 45.52 13.29 10.83
CA PRO E 362 44.29 12.52 7.32
CA VAL E 363 42.38 15.74 6.62
CA ASN E 364 38.89 15.82 5.04
CA ILE E 365 38.49 18.26 2.09
CA GLU E 366 35.28 19.41 0.26
CA ALA E 367 35.17 21.46 -2.99
CA GLU E 368 32.69 22.29 -5.75
CA PRO E 369 34.55 22.02 -9.12
CA PRO E 370 33.52 23.11 -12.65
CA PHE E 371 31.15 21.20 -15.00
CA GLY E 372 32.92 18.35 -16.87
CA GLU E 373 36.47 16.96 -16.40
CA SER E 374 38.25 18.57 -13.50
CA ASN E 375 41.94 18.42 -12.40
CA ILE E 376 42.74 19.49 -8.84
CA VAL E 377 46.45 20.07 -8.43
CA ILE E 378 48.48 20.19 -5.21
CA GLY E 379 51.63 21.59 -7.12
CA ILE E 380 54.20 21.25 -4.31
CA GLY E 381 56.67 18.75 -5.77
CA ASP E 382 57.05 17.44 -9.31
CA ASN E 383 53.33 16.92 -9.90
CA ALA E 384 53.01 16.44 -6.03
CA LEU E 385 49.64 14.73 -6.24
CA LYS E 386 47.09 15.61 -9.03
CA ILE E 387 43.60 14.06 -8.94
CA ASN E 388 41.43 13.96 -12.05
CA TRP E 389 37.58 13.54 -11.69
CA TYR E 390 34.50 14.11 -13.91
CA LYS E 391 31.40 16.20 -12.98
CA LYS E 392 28.24 15.16 -14.89
CA GLY E 393 26.04 18.02 -13.59
CA SER E 394 25.42 20.61 -16.28
CA SER E 395 25.43 24.25 -15.17
CA ILE E 396 21.90 24.90 -16.67
CA GLY E 397 20.69 21.61 -15.18
CA LYS E 398 22.17 22.64 -11.68
CA MET E 399 20.47 26.11 -12.07
CA PHE E 400 17.26 23.98 -12.88
CA GLU E 401 17.80 21.84 -9.68
CA ALA E 402 18.49 24.91 -7.50
CA THR E 403 15.29 26.78 -8.68
CA ALA E 404 13.29 23.37 -8.10
CA ARG E 405 14.83 22.81 -4.54
CA GLY E 406 14.08 26.53 -4.05
CA ALA E 407 10.55 26.49 -5.50
CA ARG E 408 9.38 23.42 -3.48
CA ARG E 409 10.58 25.06 -0.39
CA MET E 410 9.16 28.60 -1.38
CA ALA E 411 5.68 26.99 -1.74
CA ILE E 412 5.86 25.92 1.85
CA LEU E 413 7.89 28.96 3.28
CA GLY E 414 5.92 31.81 1.65
CA ASP E 415 7.07 35.24 2.67
CA THR E 416 10.56 34.44 3.83
CA ALA E 417 11.43 32.93 0.35
CA TRP E 418 13.03 36.04 -1.07
CA ASP E 419 15.71 35.89 1.67
CA PHE E 420 17.20 33.10 -0.39
CA GLY E 421 17.72 35.95 -2.83
CA SER E 422 20.08 37.74 -0.43
CA VAL E 423 20.39 41.59 -0.47
CA GLY E 424 19.21 43.39 -3.58
CA GLY E 425 16.61 45.61 -1.77
CA VAL E 426 13.60 46.28 -4.13
CA LEU E 427 13.57 42.72 -5.45
CA ASN E 428 13.51 41.50 -1.87
CA SER E 429 11.04 44.20 -0.55
CA LEU E 430 8.56 43.64 -3.46
CA GLY E 431 9.10 39.81 -3.73
CA LYS E 432 8.38 39.30 -0.06
CA MET E 433 4.81 40.74 -0.22
CA VAL E 434 3.90 38.77 -3.32
CA HIS E 435 5.06 35.53 -1.66
CA GLN E 436 3.35 36.48 1.61
CA ILE E 437 -0.06 37.42 -0.01
CA PHE E 438 -0.29 35.37 -3.13
CA GLY E 439 2.58 33.03 -2.81
CA SER E 440 1.22 31.47 0.30
CA ALA E 441 -1.68 33.40 2.17
CA TYR E 442 -4.17 33.12 -0.95
CA THR E 443 -3.15 29.47 -1.44
CA ALA E 444 -3.84 28.52 2.20
CA LEU E 445 -7.18 30.37 1.87
CA PHE E 446 -8.43 27.66 -0.47
CA SER E 447 -6.00 24.73 0.42
CA GLY E 448 -7.59 22.62 3.08
CA VAL E 449 -9.39 19.76 1.39
CA SER E 450 -7.31 16.63 0.54
CA TRP E 451 -4.59 15.84 -2.05
CA VAL E 452 -6.55 15.01 -5.24
CA MET E 453 -9.05 17.82 -5.18
CA LYS E 454 -6.17 20.41 -5.01
CA ILE E 455 -4.32 19.25 -8.15
CA GLY E 456 -7.57 18.00 -9.79
CA ILE E 457 -9.71 21.02 -9.70
CA GLY E 458 -6.44 22.85 -10.84
CA VAL E 459 -5.98 20.91 -13.99
CA LEU E 460 -9.69 21.17 -14.99
CA LEU E 461 -9.56 24.92 -14.37
CA THR E 462 -6.34 25.33 -16.43
CA TRP E 463 -8.14 23.30 -19.06
CA ILE E 464 -10.96 25.94 -19.07
CA GLY E 465 -8.00 28.39 -19.21
CA LEU E 466 -6.76 26.65 -22.35
CA ASN E 467 -9.70 27.67 -24.51
CA SER E 468 -10.18 30.92 -22.49
CA LYS E 469 -10.80 34.18 -24.47
CA ASN E 470 -9.70 37.88 -24.12
CA THR E 471 -6.42 39.02 -22.68
CA SER E 472 -7.92 38.89 -19.06
CA MET E 473 -7.90 35.07 -18.86
CA SER E 474 -4.05 34.97 -18.74
CA PHE E 475 -3.55 36.04 -15.12
CA SER E 476 -5.92 33.29 -13.89
CA CYS E 477 -4.23 30.77 -16.19
CA ILE E 478 -0.80 31.58 -14.78
CA ALA E 479 -2.02 31.38 -11.01
CA ILE E 480 -3.91 28.08 -11.49
CA GLY E 481 -1.72 26.34 -14.09
CA ILE E 482 1.60 24.67 -13.16
CA ILE E 483 1.51 26.05 -9.50
CA THR E 484 -1.42 23.96 -8.27
CA LEU E 485 0.24 20.92 -9.76
CA TYR E 486 3.60 21.84 -8.11
CA LEU E 487 1.53 22.35 -4.93
CA GLY E 488 0.39 18.74 -4.80
CA ALA E 489 3.92 17.40 -5.50
CA VAL E 490 5.13 19.43 -2.53
CA VAL E 491 2.24 19.12 0.18
CA GLN E 492 1.86 16.04 2.53
CA ALA E 493 5.47 16.73 3.65
CA SER F 1 -13.72 7.77 10.11
CA VAL F 2 -13.62 11.30 11.78
CA ALA F 3 -11.60 12.46 8.67
CA LEU F 4 -13.67 14.60 6.31
CA ALA F 5 -11.13 17.18 5.19
CA PRO F 6 -8.80 16.54 8.18
CA HIS F 7 -5.22 17.32 8.83
CA VAL F 8 -3.59 16.88 5.43
CA GLY F 9 -1.25 19.38 3.56
CA MET F 10 -2.25 23.06 4.24
CA GLY F 11 0.95 24.71 2.98
CA LEU F 12 2.28 25.10 6.56
CA ASP F 13 3.73 21.66 5.88
CA THR F 14 7.09 20.24 7.03
CA ARG F 15 9.92 18.16 5.52
CA THR F 16 9.33 14.99 7.54
CA GLN F 17 7.05 12.99 5.21
CA THR F 18 4.02 13.33 7.56
CA TRP F 19 1.91 10.82 9.69
CA MET F 20 0.00 8.94 7.00
CA SER F 21 1.10 11.29 4.24
CA ALA F 22 1.27 8.80 1.34
CA GLU F 23 -0.98 6.25 2.97
CA GLY F 24 -4.27 8.25 3.90
CA ALA F 25 -4.22 10.52 0.77
CA TRP F 26 -3.68 7.47 -1.45
CA ARG F 27 -6.13 5.19 0.42
CA GLN F 28 -8.79 7.80 -0.26
CA VAL F 29 -8.54 7.69 -4.10
CA GLU F 30 -8.09 3.81 -4.11
CA LYS F 31 -11.48 3.48 -2.46
CA VAL F 32 -13.28 6.11 -4.60
CA GLU F 33 -12.06 4.11 -7.72
CA THR F 34 -12.98 0.74 -6.05
CA TRP F 35 -16.52 1.96 -5.57
CA ALA F 36 -17.17 3.62 -8.94
CA LEU F 37 -15.88 0.39 -10.54
CA ARG F 38 -18.03 -1.73 -8.18
CA HIS F 39 -21.26 0.17 -9.11
CA PRO F 40 -21.54 1.12 -12.82
CA GLY F 41 -25.19 2.16 -12.05
CA PHE F 42 -24.14 5.73 -10.98
CA THR F 43 -22.14 5.94 -14.29
CA ILE F 44 -25.70 5.67 -15.83
CA LEU F 45 -26.97 8.59 -13.72
CA ALA F 46 -23.92 10.53 -15.09
CA LEU F 47 -24.72 9.49 -18.66
CA PHE F 48 -28.29 10.88 -18.45
CA LEU F 49 -26.78 14.14 -17.50
CA ALA F 50 -24.02 13.87 -20.12
CA HIS F 51 -26.73 13.52 -22.96
CA TYR F 52 -28.73 16.53 -21.91
CA ILE F 53 -26.30 18.87 -20.08
CA GLY F 54 -22.96 17.65 -21.11
CA THR F 55 -22.93 20.25 -23.99
CA SER F 56 -19.36 21.68 -24.24
CA LEU F 57 -17.63 18.35 -23.55
CA THR F 58 -15.72 19.87 -20.46
CA GLN F 59 -19.18 19.65 -18.81
CA LYS F 60 -19.58 15.89 -19.33
CA VAL F 61 -16.09 15.09 -17.94
CA VAL F 62 -16.49 17.34 -14.93
CA ILE F 63 -19.87 16.16 -13.72
CA PHE F 64 -18.84 12.56 -14.21
CA ILE F 65 -15.55 12.79 -12.21
CA LEU F 66 -17.28 15.09 -9.64
CA LEU F 67 -20.35 12.73 -9.06
CA MET F 68 -17.77 9.84 -8.50
CA LEU F 69 -15.59 11.80 -6.04
CA VAL F 70 -18.48 13.11 -3.91
CA THR F 71 -18.83 9.63 -2.19
CA PRO F 72 -17.24 9.70 1.31
CA GLN G 10 -26.99 -37.61 18.29
CA LEU G 11 -23.37 -39.17 18.46
CA VAL G 12 -23.03 -42.97 19.07
CA GLN G 13 -19.66 -44.63 19.15
CA SER G 14 -18.09 -48.14 18.72
CA GLY G 15 -17.53 -50.45 21.75
CA ALA G 16 -14.51 -50.96 24.11
CA GLU G 17 -11.05 -51.94 22.84
CA LEU G 18 -8.05 -53.99 24.06
CA ARG G 19 -4.97 -53.00 22.13
CA LYS G 20 -1.13 -53.81 22.00
CA PRO G 21 2.01 -51.70 21.48
CA GLY G 22 2.71 -50.79 17.84
CA SER G 23 -0.95 -51.60 16.87
CA SER G 24 -3.63 -49.36 15.42
CA VAL G 25 -7.15 -48.68 16.58
CA LYS G 26 -10.18 -47.24 14.79
CA VAL G 27 -13.19 -45.83 16.77
CA SER G 28 -16.35 -44.98 14.71
CA CYS G 29 -19.02 -42.35 15.52
CA ARG G 30 -22.49 -42.40 13.85
CA ALA G 31 -24.19 -38.96 13.85
CA SER G 32 -27.94 -38.27 13.81
CA GLY G 33 -30.41 -35.56 14.77
CA GLY G 34 -29.07 -32.57 12.68
CA THR G 35 -27.19 -31.15 9.76
CA PHE G 36 -24.33 -33.44 9.14
CA SER G 37 -22.61 -31.47 6.22
CA SER G 38 -22.42 -28.34 8.51
CA TYR G 39 -20.95 -30.09 11.46
CA THR G 40 -17.65 -29.41 13.19
CA PHE G 41 -16.15 -32.18 15.46
CA ASN G 42 -13.30 -32.42 17.79
CA TRP G 43 -12.08 -35.73 19.19
CA VAL G 44 -11.23 -35.51 22.94
CA ARG G 45 -9.63 -38.01 25.10
CA GLN G 46 -9.40 -38.47 28.82
CA ALA G 47 -7.07 -41.03 30.45
CA PRO G 48 -8.48 -42.49 33.82
CA GLY G 49 -7.11 -40.30 36.82
CA GLN G 50 -6.26 -37.40 34.44
CA GLY G 51 -7.93 -34.58 32.53
CA LEU G 52 -9.53 -33.91 29.13
CA GLU G 53 -7.05 -33.75 26.21
CA TRP G 54 -7.87 -32.12 22.83
CA MET G 55 -6.81 -34.45 19.91
CA GLY G 56 -7.80 -32.72 16.68
CA GLY G 57 -10.78 -31.20 14.95
CA PHE G 58 -12.22 -31.47 11.53
CA ILE G 59 -14.42 -29.27 9.41
CA PRO G 60 -16.71 -31.36 7.19
CA VAL G 61 -17.72 -28.13 5.40
CA PHE G 62 -14.25 -27.19 4.01
CA ASN G 63 -12.83 -30.86 3.89
CA THR G 64 -10.24 -29.62 6.49
CA THR G 65 -8.62 -31.46 9.33
CA ASN G 66 -6.25 -30.63 12.04
CA TYR G 67 -4.41 -32.80 14.50
CA ALA G 68 -2.60 -31.81 17.67
CA GLN G 69 1.24 -31.86 17.28
CA THR G 70 1.45 -34.71 19.91
CA PHE G 71 -0.62 -36.81 17.60
CA GLN G 72 0.74 -35.42 14.32
CA GLY G 73 1.64 -38.61 12.41
CA ARG G 74 -0.27 -41.11 14.51
CA VAL G 75 -3.99 -40.09 13.97
CA THR G 76 -6.14 -39.85 10.84
CA ILE G 77 -9.80 -38.66 10.94
CA ALA G 78 -12.22 -39.61 8.03
CA ALA G 79 -15.94 -39.08 7.46
CA ASP G 80 -18.53 -40.88 5.27
CA LYS G 81 -21.57 -38.81 4.31
CA SER G 82 -23.74 -41.71 3.07
CA THR G 83 -24.22 -43.10 6.61
CA SER G 84 -23.62 -39.74 8.61
CA THR G 85 -20.56 -41.21 10.28
CA ALA G 86 -17.23 -39.94 11.45
CA TYR G 87 -14.19 -42.21 12.00
CA MET G 88 -10.90 -41.81 14.01
CA GLU G 89 -7.82 -44.04 13.46
CA LEU G 90 -4.90 -43.80 15.92
CA ARG G 91 -1.74 -45.87 15.17
CA SER G 92 1.67 -46.69 16.80
CA LEU G 93 -0.11 -47.45 20.11
CA ARG G 94 1.77 -47.52 23.51
CA SER G 95 0.51 -47.88 27.16
CA GLU G 96 0.00 -44.10 27.61
CA ASP G 97 -2.68 -44.00 24.93
CA THR G 98 -4.95 -45.73 27.33
CA ALA G 99 -8.09 -43.51 27.76
CA ILE G 100 -11.83 -43.11 27.07
CA TYR G 101 -12.07 -41.40 23.64
CA TYR G 102 -14.99 -39.07 22.81
CA CYS G 103 -16.30 -37.73 19.56
CA ALA G 104 -18.01 -34.39 20.26
CA ARG G 105 -19.53 -31.53 18.14
CA ASP G 106 -18.92 -27.78 18.71
CA LYS G 107 -19.55 -24.33 17.05
CA GLU G 108 -23.15 -23.80 18.42
CA LEU G 109 -25.25 -20.80 18.01
CA LEU G 110 -23.33 -18.81 15.33
CA PHE G 111 -20.83 -17.26 17.92
CA SER G 112 -20.29 -20.28 20.31
CA ARG G 113 -17.37 -22.73 20.39
CA ALA G 114 -18.69 -25.12 23.06
CA PHE G 115 -19.46 -28.75 22.69
CA ASP G 116 -23.36 -29.17 22.60
CA ILE G 117 -23.26 -32.89 21.68
CA TRP G 118 -21.05 -35.68 23.06
CA GLY G 119 -20.57 -39.39 22.36
CA GLN G 120 -20.90 -41.70 25.37
CA GLY G 121 -17.21 -42.38 24.97
CA THR G 122 -15.19 -45.46 23.83
CA MET G 123 -12.48 -47.01 26.29
CA VAL G 124 -9.27 -47.98 24.53
CA THR G 125 -6.94 -49.96 26.70
CA VAL G 126 -3.24 -50.41 25.63
CA SER G 127 -1.48 -53.02 27.74
CA SER G 128 0.37 -56.34 27.18
CA ALA G 129 -1.62 -58.03 30.10
CA GLY G 130 -4.24 -60.78 29.66
CA THR G 131 -7.88 -60.23 30.13
CA LYS G 132 -8.42 -62.14 33.50
CA GLY G 133 -7.44 -60.47 36.86
CA PRO G 134 -6.44 -62.35 39.95
CA SER G 135 -7.94 -65.71 41.07
CA ASP H 8 0.10 -23.31 23.11
CA ILE H 9 -2.40 -21.35 25.35
CA GLN H 10 -2.18 -23.40 28.54
CA MET H 11 -5.10 -23.33 30.92
CA THR H 12 -4.35 -23.41 34.67
CA GLN H 13 -7.52 -24.13 36.63
CA SER H 14 -7.54 -23.61 40.42
CA PRO H 15 -8.31 -25.02 42.90
CA SER H 16 -7.15 -28.28 41.30
CA SER H 17 -9.16 -30.04 44.02
CA LEU H 18 -11.30 -28.45 46.84
CA SER H 19 -12.98 -29.80 49.85
CA ALA H 20 -16.64 -28.93 50.46
CA SER H 21 -20.03 -29.85 52.12
CA VAL H 22 -23.61 -29.47 50.91
CA GLY H 23 -24.67 -25.72 51.20
CA ASP H 24 -21.13 -24.57 50.56
CA ARG H 25 -20.33 -21.65 48.13
CA VAL H 26 -17.69 -22.68 45.53
CA THR H 27 -15.80 -20.23 43.30
CA ILE H 28 -13.57 -22.12 40.75
CA THR H 29 -11.00 -20.27 38.54
CA CYS H 30 -9.50 -20.95 35.09
CA ARG H 31 -6.52 -18.87 33.76
CA ALA H 32 -5.12 -18.50 30.24
CA SER H 33 -1.46 -17.59 29.44
CA GLN H 34 -2.74 -14.95 26.95
CA SER H 35 -5.95 -13.20 26.06
CA ILE H 36 -8.71 -15.52 24.99
CA SER H 37 -11.49 -12.88 25.74
CA ARG H 38 -14.81 -14.65 26.43
CA TYR H 39 -14.54 -17.93 24.62
CA LEU H 40 -13.97 -20.03 27.63
CA ASN H 41 -16.54 -22.81 28.29
CA TRP H 42 -17.41 -24.79 31.54
CA TYR H 43 -17.91 -28.65 31.96
CA GLN H 44 -18.98 -31.06 34.64
CA ARG H 45 -17.67 -34.72 34.55
CA GLU H 46 -18.32 -37.72 36.67
CA PRO H 47 -16.49 -41.05 37.02
CA GLY H 48 -17.07 -43.06 33.84
CA LYS H 49 -19.54 -40.82 32.08
CA ALA H 50 -19.33 -38.20 29.32
CA PRO H 51 -18.80 -34.36 30.16
CA LYS H 52 -21.82 -32.10 30.59
CA LEU H 53 -21.68 -28.64 29.16
CA LEU H 54 -22.68 -26.14 31.78
CA ILE H 55 -21.75 -22.57 30.69
CA TYR H 56 -20.45 -21.39 27.25
CA GLY H 57 -19.03 -18.04 26.22
CA ALA H 58 -17.93 -17.52 29.90
CA SER H 59 -21.50 -16.60 30.85
CA SER H 60 -24.37 -18.08 28.83
CA LEU H 61 -25.63 -21.19 30.64
CA GLN H 62 -26.61 -24.20 28.56
CA ARG H 63 -30.12 -25.66 28.52
CA GLY H 64 -31.72 -26.96 31.74
CA VAL H 65 -28.55 -26.24 33.69
CA PRO H 66 -29.65 -24.62 36.99
CA SER H 67 -29.11 -20.97 37.80
CA ARG H 68 -27.17 -21.62 41.00
CA PHE H 69 -24.25 -21.93 38.49
CA SER H 70 -22.75 -18.66 37.19
CA GLY H 71 -19.77 -17.47 35.23
CA SER H 72 -17.74 -14.34 35.06
CA GLY H 73 -14.34 -13.05 33.93
CA SER H 74 -12.61 -11.44 30.97
CA GLY H 75 -9.34 -11.42 29.10
CA THR H 76 -7.10 -13.97 30.79
CA ASP H 77 -8.91 -14.80 34.09
CA PHE H 78 -12.33 -16.62 34.21
CA THR H 79 -14.40 -17.88 37.14
CA LEU H 80 -17.22 -20.19 37.85
CA THR H 81 -19.42 -19.62 41.04
CA ILE H 82 -21.73 -22.12 42.79
CA SER H 83 -23.97 -20.32 45.36
CA SER H 84 -25.05 -23.34 47.28
CA LEU H 85 -23.65 -26.80 46.75
CA GLN H 86 -26.35 -29.55 46.42
CA PRO H 87 -25.70 -33.49 46.58
CA GLU H 88 -25.30 -33.50 42.81
CA ASP H 89 -22.70 -30.64 42.49
CA PHE H 90 -19.89 -33.02 43.64
CA ALA H 91 -18.19 -34.00 40.38
CA THR H 92 -14.96 -32.87 38.66
CA TYR H 93 -15.27 -29.63 36.78
CA TYR H 94 -13.42 -28.57 33.49
CA CYS H 95 -12.77 -25.35 31.66
CA GLN H 96 -12.18 -25.34 27.83
CA GLN H 97 -10.37 -22.67 25.86
CA SER H 98 -11.63 -22.66 22.26
CA GLN H 99 -10.62 -19.19 21.05
CA TYR H 100 -7.78 -20.95 19.06
CA ILE H 101 -7.82 -24.30 17.24
CA PRO H 102 -5.47 -26.29 18.30
CA TYR H 103 -7.10 -25.89 21.69
CA THR H 104 -6.69 -26.34 25.45
CA PHE H 105 -8.46 -27.59 28.54
CA GLY H 106 -8.04 -26.73 32.21
CA GLN H 107 -6.58 -29.48 34.27
CA GLY H 108 -9.80 -29.79 36.43
CA THR H 109 -11.19 -28.96 39.80
CA LYS H 110 -12.24 -31.94 41.79
CA VAL H 111 -15.00 -30.92 44.17
CA ASP H 112 -14.56 -33.45 47.00
CA ILE H 113 -16.47 -34.48 50.10
CA LYS H 114 -15.39 -32.66 53.19
CA ARG H 115 -13.54 -35.38 55.23
CA THR H 116 -10.20 -36.07 57.12
CA VAL H 117 -9.40 -39.92 57.09
CA ALA H 118 -9.08 -41.89 53.74
#